data_5BU3
#
_entry.id   5BU3
#
_cell.length_a   77.121
_cell.length_b   91.030
_cell.length_c   112.876
_cell.angle_alpha   90.00
_cell.angle_beta   90.00
_cell.angle_gamma   90.00
#
_symmetry.space_group_name_H-M   'P 21 21 21'
#
loop_
_entity.id
_entity.type
_entity.pdbx_description
1 polymer PyrI4
2 non-polymer GLYCEROL
3 non-polymer (4S,4aS,6aS,8R,9R,10aR,13R,14aS,18aR,18bR)-9-ethyl-4,8,19-trihydroxy-10a,12,13,18a-tetramethyl-2,3,4,4a,5,6,6a,7,8,9,10,10a,13,14,18a,18b-hexadecahydro-1H-14a,17-(metheno)benzo[b]naphtho[2,1-h]azacyclododecine-16,18(15H,17H)-dione
4 water water
#
_entity_poly.entity_id   1
_entity_poly.type   'polypeptide(L)'
_entity_poly.pdbx_seq_one_letter_code
;MTTPQIDERAMEAGAAALQETIVDPGPLDVTALAVAAALAAGLHSAADDPAAALDKCIVLDELTEFAEKLVVHDRPGGIG
TTVEYVEVYEDASGVRLGTATGNAVVLKMEPHMWQFHQSVSELADGSFEAVGVIDCTAMLRRMTQVLRVTGRSGRYAGKS
GFMTLAISDPNQRPPHYSVQVVLC
;
_entity_poly.pdbx_strand_id   A,B,C,D
#
loop_
_chem_comp.id
_chem_comp.type
_chem_comp.name
_chem_comp.formula
4W9 non-polymer (4S,4aS,6aS,8R,9R,10aR,13R,14aS,18aR,18bR)-9-ethyl-4,8,19-trihydroxy-10a,12,13,18a-tetramethyl-2,3,4,4a,5,6,6a,7,8,9,10,10a,13,14,18a,18b-hexadecahydro-1H-14a,17-(metheno)benzo[b]naphtho[2,1-h]azacyclododecine-16,18(15H,17H)-dione 'C30 H45 N O5'
GOL non-polymer GLYCEROL 'C3 H8 O3'
#
# COMPACT_ATOMS: atom_id res chain seq x y z
N PRO A 4 23.14 -12.19 -4.14
CA PRO A 4 22.10 -11.20 -4.48
C PRO A 4 20.84 -11.79 -5.08
N GLN A 5 19.81 -11.87 -4.25
CA GLN A 5 18.56 -12.49 -4.60
C GLN A 5 17.61 -11.36 -5.09
N ILE A 6 16.60 -11.79 -5.83
CA ILE A 6 15.68 -10.90 -6.49
C ILE A 6 14.30 -11.33 -6.09
N ASP A 7 13.56 -10.41 -5.48
CA ASP A 7 12.21 -10.69 -5.06
C ASP A 7 11.40 -11.25 -6.22
N GLU A 8 10.55 -12.22 -5.93
CA GLU A 8 9.82 -12.93 -6.95
C GLU A 8 8.93 -11.98 -7.77
N ARG A 9 8.42 -10.93 -7.15
CA ARG A 9 7.61 -9.97 -7.88
C ARG A 9 8.43 -9.27 -8.96
N ALA A 10 9.73 -9.09 -8.73
CA ALA A 10 10.59 -8.52 -9.78
C ALA A 10 10.89 -9.59 -10.83
N MET A 11 11.13 -10.83 -10.42
CA MET A 11 11.37 -11.89 -11.38
C MET A 11 10.19 -12.04 -12.32
N GLU A 12 8.97 -11.93 -11.79
CA GLU A 12 7.76 -12.24 -12.57
C GLU A 12 7.06 -11.04 -13.21
N ALA A 13 7.65 -9.87 -13.07
CA ALA A 13 7.04 -8.64 -13.56
C ALA A 13 6.79 -8.65 -15.08
N GLY A 14 7.63 -9.34 -15.83
CA GLY A 14 7.41 -9.45 -17.27
C GLY A 14 6.13 -10.22 -17.54
N ALA A 15 5.95 -11.33 -16.83
CA ALA A 15 4.71 -12.09 -16.93
C ALA A 15 3.53 -11.21 -16.54
N ALA A 16 3.71 -10.40 -15.50
CA ALA A 16 2.66 -9.49 -15.10
C ALA A 16 2.33 -8.53 -16.26
N ALA A 17 3.33 -7.98 -16.92
CA ALA A 17 3.07 -7.08 -18.06
C ALA A 17 2.27 -7.77 -19.17
N LEU A 18 2.60 -9.03 -19.43
CA LEU A 18 1.97 -9.79 -20.50
C LEU A 18 0.52 -10.08 -20.20
N GLN A 19 0.12 -9.94 -18.94
CA GLN A 19 -1.30 -10.08 -18.59
C GLN A 19 -2.12 -8.83 -18.82
N GLU A 20 -1.45 -7.70 -19.06
CA GLU A 20 -2.15 -6.45 -19.30
C GLU A 20 -2.92 -6.48 -20.62
N THR A 21 -4.10 -5.87 -20.63
CA THR A 21 -4.91 -5.79 -21.84
C THR A 21 -4.71 -4.47 -22.57
N ILE A 22 -4.09 -3.51 -21.89
CA ILE A 22 -3.70 -2.24 -22.50
C ILE A 22 -2.22 -2.32 -22.77
N VAL A 23 -1.85 -2.25 -24.04
CA VAL A 23 -0.48 -2.48 -24.48
C VAL A 23 -0.16 -1.29 -25.36
N ASP A 24 0.38 -0.25 -24.73
CA ASP A 24 0.35 1.08 -25.32
C ASP A 24 1.72 1.78 -25.23
N PRO A 25 2.70 1.29 -26.03
CA PRO A 25 4.04 1.91 -26.05
C PRO A 25 4.02 3.32 -26.63
N GLY A 26 4.93 4.13 -26.12
CA GLY A 26 5.06 5.51 -26.53
C GLY A 26 6.45 6.04 -26.30
N PRO A 27 7.45 5.49 -26.99
CA PRO A 27 8.84 5.86 -26.69
C PRO A 27 9.22 7.20 -27.25
N LEU A 28 10.40 7.64 -26.82
CA LEU A 28 11.06 8.83 -27.35
C LEU A 28 12.37 8.43 -28.03
N ASP A 29 12.66 9.04 -29.17
CA ASP A 29 13.98 8.84 -29.78
C ASP A 29 15.02 9.73 -29.04
N VAL A 30 16.31 9.43 -29.16
CA VAL A 30 17.30 10.20 -28.41
C VAL A 30 17.38 11.61 -28.86
N THR A 31 17.10 11.85 -30.14
CA THR A 31 17.13 13.22 -30.61
C THR A 31 16.11 14.05 -29.85
N ALA A 32 14.90 13.52 -29.71
CA ALA A 32 13.86 14.19 -28.93
C ALA A 32 14.30 14.41 -27.49
N LEU A 33 14.95 13.39 -26.94
CA LEU A 33 15.38 13.47 -25.56
C LEU A 33 16.51 14.53 -25.46
N ALA A 34 17.37 14.58 -26.46
CA ALA A 34 18.42 15.59 -26.50
C ALA A 34 17.85 16.99 -26.61
N VAL A 35 16.80 17.15 -27.40
CA VAL A 35 16.14 18.45 -27.46
C VAL A 35 15.60 18.85 -26.10
N ALA A 36 14.97 17.92 -25.40
CA ALA A 36 14.48 18.22 -24.06
C ALA A 36 15.66 18.58 -23.13
N ALA A 37 16.73 17.79 -23.16
CA ALA A 37 17.85 18.02 -22.22
C ALA A 37 18.46 19.40 -22.49
N ALA A 38 18.62 19.73 -23.75
CA ALA A 38 19.27 20.97 -24.12
C ALA A 38 18.39 22.17 -23.80
N LEU A 39 17.09 22.05 -24.02
CA LEU A 39 16.15 23.11 -23.62
C LEU A 39 16.17 23.32 -22.11
N ALA A 40 16.14 22.22 -21.36
CA ALA A 40 16.14 22.30 -19.92
C ALA A 40 17.41 22.97 -19.38
N ALA A 41 18.52 22.75 -20.07
CA ALA A 41 19.81 23.25 -19.60
C ALA A 41 20.11 24.66 -20.13
N GLY A 42 19.23 25.19 -20.97
CA GLY A 42 19.44 26.52 -21.52
C GLY A 42 20.58 26.59 -22.51
N LEU A 43 20.87 25.46 -23.17
CA LEU A 43 21.86 25.35 -24.23
C LEU A 43 21.25 25.20 -25.62
N HIS A 44 19.93 25.29 -25.73
CA HIS A 44 19.28 25.11 -27.03
C HIS A 44 18.05 25.98 -27.19
N SER A 45 17.73 26.27 -28.46
CA SER A 45 16.59 27.10 -28.81
C SER A 45 15.59 26.31 -29.63
N ALA A 46 14.32 26.39 -29.23
CA ALA A 46 13.19 25.76 -29.94
C ALA A 46 13.29 25.96 -31.45
N ALA A 47 13.94 27.05 -31.84
CA ALA A 47 13.96 27.44 -33.25
C ALA A 47 15.14 26.85 -34.03
N ASP A 48 16.06 26.20 -33.35
CA ASP A 48 17.13 25.50 -34.01
C ASP A 48 16.60 24.16 -34.45
N ASP A 49 17.37 23.42 -35.20
CA ASP A 49 17.02 22.08 -35.53
C ASP A 49 17.52 21.01 -34.57
N PRO A 50 16.65 19.91 -34.57
CA PRO A 50 16.90 18.90 -33.55
C PRO A 50 18.23 18.27 -33.58
N ALA A 51 18.83 18.03 -34.73
CA ALA A 51 20.11 17.37 -34.76
C ALA A 51 21.16 18.24 -34.11
N ALA A 52 20.93 19.54 -34.05
CA ALA A 52 21.83 20.43 -33.33
C ALA A 52 21.86 20.13 -31.84
N ALA A 53 20.70 19.79 -31.29
CA ALA A 53 20.64 19.47 -29.87
C ALA A 53 21.41 18.19 -29.61
N LEU A 54 21.30 17.23 -30.51
CA LEU A 54 21.94 15.94 -30.29
C LEU A 54 23.46 16.05 -30.13
N ASP A 55 24.06 16.94 -30.93
CA ASP A 55 25.52 17.19 -30.91
C ASP A 55 25.99 17.87 -29.62
N LYS A 56 25.08 18.59 -28.96
CA LYS A 56 25.42 19.28 -27.73
C LYS A 56 25.43 18.35 -26.51
N CYS A 57 24.95 17.12 -26.70
CA CYS A 57 24.70 16.23 -25.58
C CYS A 57 25.64 15.06 -25.51
N ILE A 58 25.82 14.57 -24.28
CA ILE A 58 26.32 13.24 -24.04
C ILE A 58 25.15 12.27 -24.17
N VAL A 59 25.29 11.27 -25.02
CA VAL A 59 24.16 10.38 -25.39
C VAL A 59 24.44 8.92 -25.06
N LEU A 60 23.54 8.31 -24.30
CA LEU A 60 23.58 6.87 -24.09
C LEU A 60 22.26 6.34 -24.60
N ASP A 61 22.29 5.68 -25.76
CA ASP A 61 21.08 5.18 -26.42
C ASP A 61 21.14 3.66 -26.46
N GLU A 62 19.98 3.04 -26.61
CA GLU A 62 19.91 1.60 -26.79
C GLU A 62 20.58 0.83 -25.68
N LEU A 63 20.38 1.26 -24.45
CA LEU A 63 20.84 0.50 -23.30
C LEU A 63 19.74 -0.43 -22.86
N THR A 64 20.17 -1.59 -22.36
CA THR A 64 19.31 -2.56 -21.71
C THR A 64 19.71 -2.61 -20.26
N GLU A 65 18.73 -2.74 -19.36
CA GLU A 65 19.04 -2.98 -17.95
C GLU A 65 18.11 -4.02 -17.35
N PHE A 66 18.60 -4.69 -16.32
CA PHE A 66 17.80 -5.66 -15.59
C PHE A 66 18.37 -5.80 -14.20
N ALA A 67 17.56 -6.27 -13.27
CA ALA A 67 17.97 -6.39 -11.89
C ALA A 67 18.95 -7.52 -11.69
N GLU A 68 19.99 -7.32 -10.87
CA GLU A 68 20.77 -8.43 -10.36
C GLU A 68 20.46 -8.67 -8.89
N LYS A 69 19.98 -7.64 -8.20
CA LYS A 69 19.51 -7.76 -6.83
C LYS A 69 18.32 -6.86 -6.64
N LEU A 70 17.27 -7.37 -5.98
CA LEU A 70 16.13 -6.55 -5.64
C LEU A 70 15.46 -7.08 -4.35
N VAL A 71 15.45 -6.22 -3.35
CA VAL A 71 14.87 -6.50 -2.04
C VAL A 71 13.71 -5.55 -1.79
N VAL A 72 12.58 -6.13 -1.36
CA VAL A 72 11.40 -5.37 -1.02
C VAL A 72 11.16 -5.42 0.49
N HIS A 73 10.94 -4.26 1.08
CA HIS A 73 10.48 -4.18 2.48
C HIS A 73 9.07 -3.71 2.51
N ASP A 74 8.18 -4.68 2.63
CA ASP A 74 6.75 -4.44 2.50
C ASP A 74 6.22 -3.71 3.68
N ARG A 75 5.27 -2.82 3.41
CA ARG A 75 4.55 -2.17 4.46
C ARG A 75 3.05 -2.42 4.30
N PRO A 76 2.36 -2.60 5.43
CA PRO A 76 0.94 -2.97 5.34
C PRO A 76 0.19 -1.93 4.55
N GLY A 77 -0.64 -2.34 3.58
CA GLY A 77 -1.37 -1.41 2.73
C GLY A 77 -0.61 -1.07 1.44
N GLY A 78 0.65 -1.51 1.33
CA GLY A 78 1.46 -1.28 0.14
C GLY A 78 2.09 0.11 0.14
N ILE A 79 1.38 1.11 0.61
CA ILE A 79 1.95 2.45 0.63
C ILE A 79 3.10 2.58 1.63
N GLY A 80 4.24 3.08 1.18
CA GLY A 80 5.49 3.20 1.98
C GLY A 80 6.37 1.98 1.95
N THR A 81 5.97 0.98 1.20
CA THR A 81 6.82 -0.15 0.89
C THR A 81 8.10 0.37 0.23
N THR A 82 9.26 -0.15 0.64
CA THR A 82 10.53 0.33 0.06
C THR A 82 11.16 -0.78 -0.76
N VAL A 83 11.95 -0.35 -1.73
CA VAL A 83 12.61 -1.24 -2.66
C VAL A 83 14.08 -0.81 -2.74
N GLU A 84 14.98 -1.80 -2.67
CA GLU A 84 16.40 -1.59 -2.82
C GLU A 84 16.84 -2.44 -3.97
N TYR A 85 17.55 -1.87 -4.94
CA TYR A 85 17.93 -2.67 -6.11
C TYR A 85 19.29 -2.33 -6.67
N VAL A 86 19.85 -3.33 -7.31
CA VAL A 86 21.08 -3.20 -8.09
C VAL A 86 20.77 -3.77 -9.46
N GLU A 87 21.07 -2.98 -10.48
CA GLU A 87 20.81 -3.40 -11.83
C GLU A 87 22.06 -3.29 -12.68
N VAL A 88 22.05 -4.03 -13.78
CA VAL A 88 23.17 -4.06 -14.70
C VAL A 88 22.76 -3.35 -15.98
N TYR A 89 23.69 -2.60 -16.53
CA TYR A 89 23.55 -2.01 -17.86
C TYR A 89 24.34 -2.80 -18.90
N GLU A 90 23.71 -3.06 -20.03
CA GLU A 90 24.34 -3.67 -21.20
C GLU A 90 24.05 -2.85 -22.44
N ASP A 91 24.96 -2.87 -23.42
CA ASP A 91 24.61 -2.25 -24.71
C ASP A 91 23.81 -3.27 -25.57
N ALA A 92 23.42 -2.89 -26.78
CA ALA A 92 22.52 -3.70 -27.59
C ALA A 92 23.04 -5.12 -27.87
N SER A 93 24.36 -5.20 -28.00
CA SER A 93 25.07 -6.44 -28.24
C SER A 93 25.34 -7.27 -26.98
N GLY A 94 25.02 -6.72 -25.81
CA GLY A 94 25.20 -7.46 -24.57
C GLY A 94 26.49 -7.27 -23.79
N VAL A 95 27.28 -6.26 -24.15
CA VAL A 95 28.46 -5.88 -23.38
C VAL A 95 28.06 -5.06 -22.13
N ARG A 96 28.52 -5.45 -20.94
CA ARG A 96 28.25 -4.73 -19.70
C ARG A 96 28.90 -3.36 -19.68
N LEU A 97 28.12 -2.33 -19.34
CA LEU A 97 28.58 -0.94 -19.32
C LEU A 97 28.76 -0.41 -17.92
N GLY A 98 28.07 -1.04 -16.98
CA GLY A 98 28.10 -0.56 -15.61
C GLY A 98 26.92 -1.10 -14.83
N THR A 99 26.64 -0.45 -13.71
CA THR A 99 25.54 -0.82 -12.84
C THR A 99 24.89 0.45 -12.30
N ALA A 100 23.73 0.28 -11.72
CA ALA A 100 23.08 1.32 -10.95
C ALA A 100 22.54 0.68 -9.70
N THR A 101 22.61 1.40 -8.59
CA THR A 101 22.01 0.95 -7.35
C THR A 101 20.99 2.01 -6.98
N GLY A 102 19.79 1.57 -6.62
CA GLY A 102 18.72 2.51 -6.40
C GLY A 102 17.84 2.11 -5.25
N ASN A 103 17.03 3.09 -4.86
CA ASN A 103 16.04 2.96 -3.81
C ASN A 103 14.72 3.58 -4.28
N ALA A 104 13.62 2.92 -3.96
CA ALA A 104 12.30 3.40 -4.32
C ALA A 104 11.35 3.27 -3.12
N VAL A 105 10.34 4.12 -3.12
CA VAL A 105 9.28 4.11 -2.14
C VAL A 105 7.93 4.10 -2.87
N VAL A 106 7.05 3.19 -2.49
CA VAL A 106 5.72 3.18 -3.04
C VAL A 106 4.92 4.34 -2.45
N LEU A 107 4.46 5.20 -3.34
CA LEU A 107 3.68 6.38 -3.00
C LEU A 107 2.17 6.15 -2.97
N LYS A 108 1.72 5.22 -3.79
CA LYS A 108 0.31 5.01 -4.04
C LYS A 108 0.15 3.64 -4.66
N MET A 109 -0.98 2.97 -4.42
CA MET A 109 -1.16 1.63 -4.98
C MET A 109 -2.22 1.56 -6.08
N GLU A 110 -3.32 2.30 -5.92
CA GLU A 110 -4.48 2.16 -6.79
C GLU A 110 -5.02 3.52 -7.10
N PRO A 111 -5.61 3.72 -8.31
CA PRO A 111 -5.75 2.72 -9.36
C PRO A 111 -4.42 2.43 -10.07
N HIS A 112 -3.46 3.36 -10.06
CA HIS A 112 -2.13 3.11 -10.56
C HIS A 112 -1.15 3.13 -9.40
N MET A 113 -0.16 2.22 -9.46
CA MET A 113 0.92 2.22 -8.50
C MET A 113 1.92 3.25 -8.97
N TRP A 114 2.32 4.11 -8.04
CA TRP A 114 3.37 5.11 -8.24
C TRP A 114 4.51 4.90 -7.27
N GLN A 115 5.74 5.10 -7.76
CA GLN A 115 6.93 5.03 -6.95
C GLN A 115 7.82 6.21 -7.18
N PHE A 116 8.41 6.66 -6.07
CA PHE A 116 9.52 7.59 -6.12
C PHE A 116 10.80 6.78 -6.25
N HIS A 117 11.63 7.11 -7.24
CA HIS A 117 12.92 6.44 -7.47
C HIS A 117 14.11 7.37 -7.37
N GLN A 118 15.17 6.89 -6.74
CA GLN A 118 16.43 7.60 -6.88
C GLN A 118 17.51 6.56 -7.00
N SER A 119 18.42 6.80 -7.95
CA SER A 119 19.49 5.85 -8.24
C SER A 119 20.76 6.54 -8.70
N VAL A 120 21.86 5.83 -8.53
CA VAL A 120 23.18 6.28 -8.97
C VAL A 120 23.72 5.21 -9.90
N SER A 121 24.10 5.65 -11.09
CA SER A 121 24.65 4.81 -12.13
C SER A 121 26.15 5.01 -12.19
N GLU A 122 26.87 3.89 -12.25
CA GLU A 122 28.33 3.89 -12.32
C GLU A 122 28.73 3.22 -13.62
N LEU A 123 29.26 4.02 -14.54
CA LEU A 123 29.77 3.52 -15.83
C LEU A 123 31.26 3.75 -15.93
N ALA A 124 31.85 3.33 -17.06
CA ALA A 124 33.29 3.49 -17.28
C ALA A 124 33.75 4.94 -17.27
N ASP A 125 32.95 5.87 -17.79
CA ASP A 125 33.38 7.26 -17.84
C ASP A 125 32.73 8.14 -16.78
N GLY A 126 32.17 7.54 -15.73
CA GLY A 126 31.70 8.35 -14.62
C GLY A 126 30.38 7.89 -14.03
N SER A 127 29.77 8.78 -13.26
CA SER A 127 28.54 8.46 -12.56
C SER A 127 27.52 9.60 -12.66
N PHE A 128 26.25 9.23 -12.56
CA PHE A 128 25.19 10.23 -12.56
C PHE A 128 24.06 9.69 -11.71
N GLU A 129 23.24 10.62 -11.22
CA GLU A 129 22.06 10.29 -10.43
C GLU A 129 20.78 10.49 -11.26
N ALA A 130 19.79 9.65 -11.01
CA ALA A 130 18.47 9.77 -11.62
C ALA A 130 17.42 9.88 -10.51
N VAL A 131 16.45 10.77 -10.70
CA VAL A 131 15.39 10.94 -9.70
C VAL A 131 14.05 11.10 -10.43
N GLY A 132 13.03 10.36 -10.00
CA GLY A 132 11.75 10.50 -10.65
C GLY A 132 10.58 9.94 -9.88
N VAL A 133 9.39 10.33 -10.34
CA VAL A 133 8.12 9.93 -9.78
C VAL A 133 7.47 9.16 -10.90
N ILE A 134 7.39 7.83 -10.80
CA ILE A 134 7.01 7.09 -11.97
C ILE A 134 5.77 6.24 -11.72
N ASP A 135 4.99 6.17 -12.77
CA ASP A 135 3.75 5.38 -12.78
C ASP A 135 4.07 3.95 -13.23
N CYS A 136 4.11 3.05 -12.25
CA CYS A 136 4.46 1.66 -12.45
C CYS A 136 3.40 0.90 -13.23
N THR A 137 2.16 1.33 -13.08
CA THR A 137 1.07 0.71 -13.82
C THR A 137 1.18 1.06 -15.28
N ALA A 138 1.45 2.34 -15.57
CA ALA A 138 1.74 2.78 -16.95
C ALA A 138 2.93 1.99 -17.56
N MET A 139 3.95 1.76 -16.77
CA MET A 139 5.09 0.97 -17.24
C MET A 139 4.70 -0.46 -17.64
N LEU A 140 3.91 -1.14 -16.82
CA LEU A 140 3.45 -2.48 -17.16
C LEU A 140 2.67 -2.43 -18.47
N ARG A 141 1.98 -1.32 -18.72
CA ARG A 141 1.18 -1.18 -19.95
C ARG A 141 1.99 -0.61 -21.13
N ARG A 142 3.32 -0.72 -20.99
CA ARG A 142 4.34 -0.52 -22.02
C ARG A 142 4.78 0.94 -22.18
N MET A 143 4.26 1.83 -21.36
CA MET A 143 4.59 3.24 -21.54
C MET A 143 5.99 3.52 -21.03
N THR A 144 6.58 4.59 -21.58
CA THR A 144 7.87 5.10 -21.17
C THR A 144 7.70 6.06 -20.03
N GLN A 145 8.62 6.00 -19.06
CA GLN A 145 8.64 6.99 -17.98
C GLN A 145 9.96 7.74 -18.01
N VAL A 146 9.93 8.98 -17.56
CA VAL A 146 11.08 9.86 -17.63
C VAL A 146 11.57 10.22 -16.26
N LEU A 147 12.88 10.17 -16.07
CA LEU A 147 13.50 10.63 -14.83
C LEU A 147 14.49 11.76 -15.12
N ARG A 148 14.69 12.58 -14.11
CA ARG A 148 15.65 13.67 -14.17
C ARG A 148 17.04 13.14 -13.84
N VAL A 149 18.01 13.52 -14.67
CA VAL A 149 19.36 13.07 -14.49
C VAL A 149 20.28 14.25 -14.15
N THR A 150 21.15 14.01 -13.16
CA THR A 150 22.20 14.96 -12.79
C THR A 150 23.55 14.24 -12.77
N GLY A 151 24.48 14.74 -13.56
CA GLY A 151 25.81 14.12 -13.60
C GLY A 151 26.53 14.34 -12.28
N ARG A 152 27.32 13.35 -11.86
CA ARG A 152 28.06 13.42 -10.59
C ARG A 152 29.58 13.52 -10.81
N SER A 153 30.09 12.66 -11.68
CA SER A 153 31.53 12.54 -11.86
C SER A 153 31.96 12.31 -13.31
N GLY A 154 33.26 12.53 -13.57
CA GLY A 154 33.81 12.32 -14.90
C GLY A 154 33.17 13.22 -15.94
N ARG A 155 33.00 12.65 -17.10
CA ARG A 155 32.40 13.27 -18.26
C ARG A 155 31.01 13.87 -17.98
N TYR A 156 30.30 13.27 -17.02
CA TYR A 156 28.92 13.65 -16.76
C TYR A 156 28.86 14.84 -15.80
N ALA A 157 29.97 15.16 -15.13
CA ALA A 157 29.94 16.22 -14.13
C ALA A 157 29.52 17.60 -14.68
N GLY A 158 28.67 18.30 -13.94
CA GLY A 158 28.21 19.60 -14.33
C GLY A 158 27.20 19.54 -15.45
N LYS A 159 26.76 18.33 -15.79
CA LYS A 159 25.73 18.19 -16.83
C LYS A 159 24.43 17.65 -16.24
N SER A 160 23.33 17.91 -16.94
CA SER A 160 22.03 17.43 -16.51
C SER A 160 21.13 17.13 -17.72
N GLY A 161 20.09 16.32 -17.48
CA GLY A 161 19.22 15.93 -18.55
C GLY A 161 18.16 14.96 -18.12
N PHE A 162 17.93 13.96 -18.95
CA PHE A 162 16.81 13.05 -18.73
C PHE A 162 17.19 11.64 -19.05
N MET A 163 16.45 10.74 -18.43
CA MET A 163 16.54 9.31 -18.66
C MET A 163 15.14 8.79 -19.02
N THR A 164 15.07 7.85 -19.96
CA THR A 164 13.82 7.13 -20.26
C THR A 164 13.95 5.71 -19.78
N LEU A 165 12.82 5.17 -19.36
CA LEU A 165 12.74 3.80 -18.91
C LEU A 165 11.45 3.17 -19.44
N ALA A 166 11.57 2.00 -20.04
CA ALA A 166 10.40 1.25 -20.53
C ALA A 166 10.72 -0.20 -20.57
N ILE A 167 9.71 -1.03 -20.38
CA ILE A 167 9.96 -2.46 -20.49
C ILE A 167 10.28 -2.82 -21.95
N SER A 168 11.24 -3.72 -22.15
CA SER A 168 11.70 -4.06 -23.49
C SER A 168 11.58 -5.57 -23.82
N ASP A 169 11.79 -6.44 -22.83
CA ASP A 169 11.56 -7.87 -23.05
C ASP A 169 10.90 -8.43 -21.82
N PRO A 170 9.58 -8.52 -21.85
CA PRO A 170 8.87 -9.09 -20.70
C PRO A 170 8.97 -10.61 -20.62
N ASN A 171 9.64 -11.24 -21.59
CA ASN A 171 9.78 -12.69 -21.59
C ASN A 171 10.94 -13.17 -20.72
N GLN A 172 11.78 -12.24 -20.29
CA GLN A 172 12.89 -12.56 -19.40
C GLN A 172 12.47 -12.58 -17.93
N ARG A 173 13.24 -13.31 -17.13
CA ARG A 173 13.06 -13.38 -15.71
C ARG A 173 14.40 -13.09 -15.05
N PRO A 174 14.56 -11.89 -14.47
CA PRO A 174 13.64 -10.74 -14.44
C PRO A 174 13.54 -10.09 -15.82
N PRO A 175 12.51 -9.26 -16.03
CA PRO A 175 12.35 -8.66 -17.36
C PRO A 175 13.45 -7.69 -17.68
N HIS A 176 13.65 -7.44 -18.97
CA HIS A 176 14.61 -6.44 -19.45
C HIS A 176 13.88 -5.14 -19.72
N TYR A 177 14.60 -4.04 -19.51
CA TYR A 177 14.16 -2.68 -19.76
C TYR A 177 15.08 -1.98 -20.75
N SER A 178 14.50 -1.12 -21.55
CA SER A 178 15.25 -0.18 -22.41
C SER A 178 15.46 1.15 -21.70
N VAL A 179 16.70 1.66 -21.78
CA VAL A 179 17.11 2.91 -21.13
C VAL A 179 17.83 3.80 -22.11
N GLN A 180 17.55 5.09 -22.02
CA GLN A 180 18.31 6.12 -22.72
C GLN A 180 18.65 7.15 -21.70
N VAL A 181 19.83 7.74 -21.84
CA VAL A 181 20.25 8.81 -20.97
C VAL A 181 20.87 9.88 -21.85
N VAL A 182 20.43 11.11 -21.69
CA VAL A 182 20.99 12.23 -22.43
C VAL A 182 21.26 13.37 -21.48
N LEU A 183 22.48 13.90 -21.49
CA LEU A 183 22.87 14.99 -20.59
C LEU A 183 23.58 16.09 -21.33
N CYS A 184 23.47 17.31 -20.83
CA CYS A 184 24.30 18.41 -21.33
C CYS A 184 24.46 19.53 -20.32
N PRO B 4 -7.88 37.41 -26.39
CA PRO B 4 -6.87 36.48 -26.89
C PRO B 4 -7.49 35.18 -27.42
N GLN B 5 -6.71 34.45 -28.23
CA GLN B 5 -7.19 33.23 -28.88
C GLN B 5 -6.63 31.93 -28.27
N ILE B 6 -7.42 30.88 -28.46
CA ILE B 6 -7.10 29.54 -28.01
C ILE B 6 -7.23 28.61 -29.20
N ASP B 7 -6.14 28.00 -29.61
CA ASP B 7 -6.17 27.07 -30.73
C ASP B 7 -7.25 25.98 -30.54
N GLU B 8 -7.92 25.61 -31.63
CA GLU B 8 -8.97 24.60 -31.60
C GLU B 8 -8.53 23.29 -30.95
N ARG B 9 -7.29 22.92 -31.14
CA ARG B 9 -6.79 21.68 -30.57
C ARG B 9 -6.78 21.72 -29.04
N ALA B 10 -6.62 22.91 -28.48
CA ALA B 10 -6.73 23.09 -27.04
C ALA B 10 -8.20 23.20 -26.64
N MET B 11 -8.98 23.95 -27.43
CA MET B 11 -10.39 24.12 -27.10
C MET B 11 -11.07 22.75 -27.03
N GLU B 12 -10.68 21.87 -27.95
CA GLU B 12 -11.39 20.59 -28.16
C GLU B 12 -10.67 19.39 -27.52
N ALA B 13 -9.62 19.66 -26.72
CA ALA B 13 -8.82 18.59 -26.13
C ALA B 13 -9.65 17.70 -25.24
N GLY B 14 -10.65 18.28 -24.59
CA GLY B 14 -11.55 17.51 -23.77
C GLY B 14 -12.33 16.54 -24.63
N ALA B 15 -12.84 17.03 -25.75
CA ALA B 15 -13.55 16.18 -26.69
C ALA B 15 -12.67 15.08 -27.23
N ALA B 16 -11.41 15.38 -27.49
CA ALA B 16 -10.47 14.35 -27.94
C ALA B 16 -10.34 13.25 -26.92
N ALA B 17 -10.23 13.65 -25.65
CA ALA B 17 -10.16 12.67 -24.58
C ALA B 17 -11.40 11.76 -24.58
N LEU B 18 -12.57 12.34 -24.84
CA LEU B 18 -13.81 11.58 -24.78
C LEU B 18 -13.92 10.53 -25.87
N GLN B 19 -13.20 10.71 -26.96
CA GLN B 19 -13.13 9.73 -28.04
C GLN B 19 -12.12 8.61 -27.83
N GLU B 20 -11.29 8.71 -26.81
CA GLU B 20 -10.33 7.65 -26.50
C GLU B 20 -11.03 6.37 -26.07
N THR B 21 -10.47 5.23 -26.45
CA THR B 21 -10.99 3.94 -26.03
C THR B 21 -10.24 3.42 -24.81
N ILE B 22 -9.10 4.04 -24.51
CA ILE B 22 -8.37 3.77 -23.28
C ILE B 22 -8.66 4.92 -22.36
N VAL B 23 -9.30 4.62 -21.23
CA VAL B 23 -9.75 5.61 -20.27
C VAL B 23 -9.19 5.14 -18.94
N ASP B 24 -7.98 5.61 -18.62
CA ASP B 24 -7.17 4.95 -17.62
C ASP B 24 -6.55 5.91 -16.61
N PRO B 25 -7.36 6.44 -15.73
CA PRO B 25 -6.89 7.32 -14.68
C PRO B 25 -5.95 6.72 -13.64
N GLY B 26 -4.97 7.50 -13.21
CA GLY B 26 -4.04 7.08 -12.21
C GLY B 26 -3.53 8.26 -11.41
N PRO B 27 -4.51 8.85 -10.62
CA PRO B 27 -4.06 10.06 -9.93
C PRO B 27 -3.05 9.85 -8.82
N LEU B 28 -2.39 10.93 -8.44
CA LEU B 28 -1.49 10.92 -7.31
C LEU B 28 -2.04 11.98 -6.34
N ASP B 29 -2.27 11.61 -5.09
CA ASP B 29 -2.79 12.56 -4.07
C ASP B 29 -1.70 13.44 -3.49
N VAL B 30 -2.04 14.55 -2.82
CA VAL B 30 -1.01 15.48 -2.35
C VAL B 30 -0.15 14.94 -1.27
N THR B 31 -0.66 14.05 -0.43
CA THR B 31 0.21 13.44 0.57
C THR B 31 1.31 12.66 -0.11
N ALA B 32 0.96 11.85 -1.09
CA ALA B 32 1.94 11.10 -1.87
C ALA B 32 2.93 12.03 -2.56
N LEU B 33 2.44 13.13 -3.10
CA LEU B 33 3.31 14.08 -3.77
C LEU B 33 4.24 14.76 -2.75
N ALA B 34 3.74 15.03 -1.56
CA ALA B 34 4.61 15.57 -0.51
C ALA B 34 5.70 14.61 -0.07
N VAL B 35 5.41 13.31 0.02
CA VAL B 35 6.45 12.32 0.31
C VAL B 35 7.53 12.38 -0.76
N ALA B 36 7.12 12.45 -2.02
CA ALA B 36 8.07 12.52 -3.12
C ALA B 36 8.95 13.79 -3.00
N ALA B 37 8.31 14.93 -2.74
CA ALA B 37 8.99 16.20 -2.67
C ALA B 37 9.98 16.19 -1.52
N ALA B 38 9.55 15.69 -0.36
CA ALA B 38 10.42 15.68 0.82
C ALA B 38 11.57 14.68 0.64
N LEU B 39 11.27 13.52 0.08
CA LEU B 39 12.32 12.55 -0.20
C LEU B 39 13.35 13.15 -1.16
N ALA B 40 12.90 13.76 -2.23
CA ALA B 40 13.83 14.37 -3.19
C ALA B 40 14.65 15.51 -2.58
N ALA B 41 14.07 16.21 -1.60
CA ALA B 41 14.74 17.34 -0.98
C ALA B 41 15.66 16.86 0.14
N GLY B 42 15.65 15.57 0.43
CA GLY B 42 16.47 14.99 1.46
C GLY B 42 16.00 15.43 2.84
N LEU B 43 14.72 15.79 2.93
CA LEU B 43 14.11 16.21 4.22
C LEU B 43 13.14 15.18 4.76
N HIS B 44 13.19 13.98 4.21
CA HIS B 44 12.28 12.92 4.63
C HIS B 44 13.00 11.60 4.52
N SER B 45 12.50 10.65 5.30
CA SER B 45 13.04 9.31 5.40
C SER B 45 11.83 8.41 5.29
N ALA B 46 11.97 7.32 4.53
CA ALA B 46 10.86 6.39 4.34
C ALA B 46 10.72 5.44 5.54
N ALA B 47 11.10 5.91 6.72
CA ALA B 47 10.54 5.40 7.96
C ALA B 47 9.89 6.54 8.73
N ASP B 48 9.73 7.68 8.10
CA ASP B 48 8.87 8.77 8.56
C ASP B 48 7.45 8.48 8.01
N ASP B 49 6.43 9.05 8.64
CA ASP B 49 5.04 8.98 8.23
C ASP B 49 4.57 9.99 7.16
N PRO B 50 3.72 9.58 6.24
CA PRO B 50 3.32 10.54 5.21
C PRO B 50 2.73 11.86 5.65
N ALA B 51 1.93 11.89 6.69
CA ALA B 51 1.37 13.17 7.12
C ALA B 51 2.46 14.13 7.57
N ALA B 52 3.59 13.58 8.03
CA ALA B 52 4.77 14.38 8.37
C ALA B 52 5.43 15.05 7.19
N ALA B 53 5.44 14.37 6.04
CA ALA B 53 5.99 14.97 4.85
C ALA B 53 5.08 16.13 4.47
N LEU B 54 3.77 15.91 4.55
CA LEU B 54 2.81 16.93 4.12
C LEU B 54 2.96 18.21 4.95
N ASP B 55 3.26 18.04 6.24
CA ASP B 55 3.46 19.16 7.15
C ASP B 55 4.70 20.00 6.88
N LYS B 56 5.73 19.39 6.28
CA LYS B 56 6.96 20.11 5.94
C LYS B 56 6.82 20.86 4.62
N CYS B 57 5.73 20.64 3.90
CA CYS B 57 5.60 21.17 2.54
C CYS B 57 4.66 22.36 2.42
N ILE B 58 4.93 23.19 1.44
CA ILE B 58 3.96 24.16 0.93
C ILE B 58 3.10 23.39 -0.02
N VAL B 59 1.79 23.48 0.18
CA VAL B 59 0.82 22.69 -0.58
C VAL B 59 -0.16 23.56 -1.33
N LEU B 60 -0.27 23.34 -2.64
CA LEU B 60 -1.31 23.96 -3.43
C LEU B 60 -2.10 22.84 -4.04
N ASP B 61 -3.29 22.63 -3.52
CA ASP B 61 -4.16 21.57 -4.04
C ASP B 61 -5.57 22.06 -4.32
N GLU B 62 -6.39 21.17 -4.88
CA GLU B 62 -7.78 21.43 -5.20
C GLU B 62 -7.81 22.64 -6.11
N LEU B 63 -6.80 22.70 -6.96
CA LEU B 63 -6.66 23.74 -7.95
C LEU B 63 -7.09 23.25 -9.31
N THR B 64 -7.73 24.13 -10.06
CA THR B 64 -8.04 23.89 -11.44
C THR B 64 -7.28 24.85 -12.32
N GLU B 65 -6.87 24.40 -13.51
CA GLU B 65 -6.37 25.32 -14.52
C GLU B 65 -6.90 25.03 -15.91
N PHE B 66 -6.89 26.06 -16.72
CA PHE B 66 -7.33 25.93 -18.10
C PHE B 66 -6.68 27.04 -18.87
N ALA B 67 -6.65 26.89 -20.19
CA ALA B 67 -6.01 27.87 -21.06
C ALA B 67 -6.84 29.14 -21.18
N GLU B 68 -6.17 30.29 -21.11
CA GLU B 68 -6.79 31.58 -21.45
C GLU B 68 -6.26 32.05 -22.80
N LYS B 69 -5.02 31.68 -23.09
CA LYS B 69 -4.42 31.99 -24.37
C LYS B 69 -3.55 30.80 -24.72
N LEU B 70 -3.64 30.34 -25.95
CA LEU B 70 -2.79 29.24 -26.40
C LEU B 70 -2.63 29.36 -27.90
N VAL B 71 -1.38 29.55 -28.32
CA VAL B 71 -1.06 29.75 -29.72
C VAL B 71 -0.13 28.63 -30.15
N VAL B 72 -0.41 27.98 -31.28
CA VAL B 72 0.47 26.91 -31.75
C VAL B 72 1.20 27.39 -33.00
N HIS B 73 2.52 27.20 -33.05
CA HIS B 73 3.28 27.48 -34.26
C HIS B 73 3.71 26.16 -34.86
N ASP B 74 2.95 25.70 -35.85
CA ASP B 74 3.13 24.37 -36.44
C ASP B 74 4.36 24.25 -37.32
N ARG B 75 5.02 23.11 -37.23
CA ARG B 75 6.13 22.75 -38.08
C ARG B 75 5.83 21.42 -38.74
N PRO B 76 6.42 21.23 -39.99
CA PRO B 76 5.97 20.00 -40.67
C PRO B 76 6.28 18.69 -39.98
N GLY B 77 5.26 17.87 -39.86
CA GLY B 77 5.41 16.57 -39.28
C GLY B 77 5.28 16.73 -37.78
N GLY B 78 5.28 17.98 -37.34
CA GLY B 78 4.76 18.20 -36.00
C GLY B 78 5.98 18.28 -35.11
N ILE B 79 7.11 17.76 -35.57
CA ILE B 79 8.32 17.75 -34.76
C ILE B 79 8.86 19.16 -34.62
N GLY B 80 8.96 19.64 -33.37
CA GLY B 80 9.42 21.00 -33.11
C GLY B 80 8.35 22.07 -33.19
N THR B 81 7.11 21.65 -33.39
CA THR B 81 6.00 22.59 -33.24
C THR B 81 6.06 23.24 -31.86
N THR B 82 5.78 24.54 -31.80
CA THR B 82 5.87 25.23 -30.51
C THR B 82 4.51 25.73 -30.06
N VAL B 83 4.38 25.86 -28.75
CA VAL B 83 3.15 26.30 -28.12
C VAL B 83 3.53 27.42 -27.14
N GLU B 84 2.79 28.52 -27.14
CA GLU B 84 2.89 29.57 -26.13
C GLU B 84 1.54 29.67 -25.44
N TYR B 85 1.53 29.68 -24.12
CA TYR B 85 0.27 29.70 -23.42
C TYR B 85 0.29 30.53 -22.14
N VAL B 86 -0.90 30.98 -21.79
CA VAL B 86 -1.19 31.52 -20.48
C VAL B 86 -2.36 30.72 -19.98
N GLU B 87 -2.24 30.20 -18.77
CA GLU B 87 -3.34 29.47 -18.20
C GLU B 87 -3.71 30.14 -16.92
N VAL B 88 -4.95 29.95 -16.47
CA VAL B 88 -5.36 30.57 -15.22
C VAL B 88 -5.59 29.47 -14.21
N TYR B 89 -5.26 29.79 -12.96
CA TYR B 89 -5.51 28.92 -11.85
C TYR B 89 -6.79 29.37 -11.19
N GLU B 90 -7.68 28.44 -10.89
CA GLU B 90 -8.89 28.73 -10.10
C GLU B 90 -9.04 27.76 -8.93
N ASP B 91 -9.66 28.23 -7.85
CA ASP B 91 -9.97 27.31 -6.77
C ASP B 91 -11.29 26.62 -7.07
N ALA B 92 -11.70 25.72 -6.18
CA ALA B 92 -12.88 24.90 -6.42
C ALA B 92 -14.14 25.73 -6.68
N SER B 93 -14.21 26.91 -6.05
CA SER B 93 -15.34 27.83 -6.20
C SER B 93 -15.30 28.69 -7.46
N GLY B 94 -14.22 28.61 -8.21
CA GLY B 94 -14.12 29.37 -9.45
C GLY B 94 -13.46 30.73 -9.25
N VAL B 95 -12.84 30.95 -8.10
CA VAL B 95 -12.07 32.18 -7.89
C VAL B 95 -10.68 32.11 -8.52
N ARG B 96 -10.35 33.10 -9.33
CA ARG B 96 -9.04 33.19 -9.95
C ARG B 96 -7.91 33.41 -8.94
N LEU B 97 -6.88 32.59 -9.02
CA LEU B 97 -5.76 32.66 -8.08
C LEU B 97 -4.50 33.21 -8.72
N GLY B 98 -4.42 33.13 -10.02
CA GLY B 98 -3.21 33.53 -10.70
C GLY B 98 -3.13 32.93 -12.07
N THR B 99 -1.93 32.95 -12.62
CA THR B 99 -1.71 32.47 -13.97
C THR B 99 -0.40 31.73 -14.05
N ALA B 100 -0.24 31.00 -15.14
CA ALA B 100 1.03 30.41 -15.47
C ALA B 100 1.27 30.80 -16.90
N THR B 101 2.50 31.24 -17.18
CA THR B 101 2.87 31.60 -18.52
C THR B 101 3.99 30.71 -18.94
N GLY B 102 3.79 30.03 -20.07
CA GLY B 102 4.70 29.00 -20.50
C GLY B 102 4.75 28.77 -21.98
N ASN B 103 5.67 27.90 -22.34
CA ASN B 103 5.82 27.45 -23.70
C ASN B 103 6.11 25.94 -23.70
N ALA B 104 5.78 25.28 -24.79
CA ALA B 104 6.06 23.88 -24.97
C ALA B 104 6.64 23.66 -26.35
N VAL B 105 7.39 22.58 -26.46
CA VAL B 105 7.96 22.12 -27.72
C VAL B 105 7.54 20.68 -27.94
N VAL B 106 6.97 20.39 -29.10
CA VAL B 106 6.67 18.99 -29.46
C VAL B 106 7.98 18.24 -29.81
N LEU B 107 8.24 17.18 -29.05
CA LEU B 107 9.40 16.35 -29.20
C LEU B 107 9.14 15.20 -30.15
N LYS B 108 7.91 14.72 -30.14
CA LYS B 108 7.56 13.51 -30.86
C LYS B 108 6.05 13.47 -31.02
N MET B 109 5.57 12.85 -32.10
CA MET B 109 4.13 12.77 -32.36
C MET B 109 3.56 11.37 -32.26
N GLU B 110 4.34 10.39 -32.68
CA GLU B 110 3.82 9.03 -32.75
C GLU B 110 4.80 8.03 -32.18
N PRO B 111 4.28 6.99 -31.53
CA PRO B 111 2.87 6.65 -31.26
C PRO B 111 2.20 7.58 -30.23
N HIS B 112 2.98 8.17 -29.33
CA HIS B 112 2.50 9.13 -28.36
C HIS B 112 3.13 10.46 -28.66
N MET B 113 2.36 11.52 -28.49
CA MET B 113 2.87 12.84 -28.59
C MET B 113 3.51 13.19 -27.25
N TRP B 114 4.74 13.66 -27.30
CA TRP B 114 5.47 14.13 -26.12
C TRP B 114 5.79 15.61 -26.30
N GLN B 115 5.69 16.37 -25.21
CA GLN B 115 6.06 17.79 -25.21
C GLN B 115 6.98 18.13 -24.03
N PHE B 116 7.98 18.96 -24.31
CA PHE B 116 8.75 19.59 -23.25
C PHE B 116 8.02 20.87 -22.83
N HIS B 117 7.74 21.03 -21.54
CA HIS B 117 7.00 22.18 -21.00
C HIS B 117 7.86 22.93 -20.04
N GLN B 118 7.81 24.26 -20.14
CA GLN B 118 8.39 25.11 -19.14
C GLN B 118 7.51 26.31 -18.90
N SER B 119 7.32 26.67 -17.64
CA SER B 119 6.43 27.77 -17.31
C SER B 119 6.78 28.43 -16.01
N VAL B 120 6.29 29.64 -15.85
CA VAL B 120 6.40 30.36 -14.59
C VAL B 120 5.00 30.68 -14.10
N SER B 121 4.72 30.31 -12.87
CA SER B 121 3.41 30.53 -12.26
C SER B 121 3.51 31.71 -11.29
N GLU B 122 2.54 32.60 -11.37
CA GLU B 122 2.44 33.80 -10.54
C GLU B 122 1.14 33.78 -9.76
N LEU B 123 1.26 33.66 -8.43
CA LEU B 123 0.11 33.69 -7.54
C LEU B 123 0.26 34.94 -6.62
N ALA B 124 -0.72 35.18 -5.75
CA ALA B 124 -0.67 36.34 -4.87
C ALA B 124 0.54 36.34 -3.95
N ASP B 125 0.97 35.16 -3.51
CA ASP B 125 2.06 35.09 -2.54
C ASP B 125 3.43 34.67 -3.09
N GLY B 126 3.58 34.65 -4.40
CA GLY B 126 4.88 34.37 -4.99
C GLY B 126 4.79 33.64 -6.31
N SER B 127 5.92 33.15 -6.77
CA SER B 127 6.03 32.56 -8.09
C SER B 127 6.91 31.32 -8.04
N PHE B 128 6.66 30.42 -8.99
CA PHE B 128 7.47 29.22 -9.14
C PHE B 128 7.49 28.80 -10.60
N GLU B 129 8.54 28.10 -10.92
CA GLU B 129 8.80 27.56 -12.24
C GLU B 129 8.40 26.09 -12.29
N ALA B 130 7.89 25.65 -13.43
CA ALA B 130 7.61 24.22 -13.63
C ALA B 130 8.27 23.79 -14.94
N VAL B 131 8.92 22.63 -14.94
CA VAL B 131 9.57 22.07 -16.12
C VAL B 131 9.31 20.58 -16.22
N GLY B 132 8.96 20.10 -17.42
CA GLY B 132 8.81 18.68 -17.59
C GLY B 132 8.71 18.15 -19.00
N VAL B 133 8.85 16.85 -19.08
CA VAL B 133 8.72 16.10 -20.31
C VAL B 133 7.49 15.26 -20.15
N ILE B 134 6.41 15.63 -20.84
CA ILE B 134 5.12 14.96 -20.59
C ILE B 134 4.52 14.29 -21.83
N ASP B 135 3.89 13.16 -21.54
CA ASP B 135 3.25 12.32 -22.56
C ASP B 135 1.80 12.79 -22.71
N CYS B 136 1.55 13.55 -23.77
CA CYS B 136 0.24 14.16 -24.02
C CYS B 136 -0.82 13.15 -24.41
N THR B 137 -0.39 12.04 -25.00
CA THR B 137 -1.29 10.94 -25.31
C THR B 137 -1.72 10.26 -24.04
N ALA B 138 -0.80 10.03 -23.10
CA ALA B 138 -1.18 9.47 -21.81
C ALA B 138 -2.21 10.40 -21.09
N MET B 139 -2.02 11.71 -21.13
CA MET B 139 -2.97 12.65 -20.54
C MET B 139 -4.35 12.57 -21.21
N LEU B 140 -4.38 12.47 -22.52
CA LEU B 140 -5.66 12.24 -23.21
C LEU B 140 -6.37 10.97 -22.75
N ARG B 141 -5.58 9.95 -22.36
CA ARG B 141 -6.10 8.69 -21.86
C ARG B 141 -6.23 8.70 -20.32
N ARG B 142 -6.23 9.91 -19.76
CA ARG B 142 -6.63 10.25 -18.39
C ARG B 142 -5.57 10.17 -17.33
N MET B 143 -4.35 9.83 -17.75
CA MET B 143 -3.26 9.67 -16.81
C MET B 143 -2.75 11.00 -16.33
N THR B 144 -2.14 10.94 -15.15
CA THR B 144 -1.46 12.07 -14.56
C THR B 144 -0.01 12.14 -15.02
N GLN B 145 0.46 13.37 -15.22
CA GLN B 145 1.85 13.62 -15.52
C GLN B 145 2.45 14.53 -14.44
N VAL B 146 3.76 14.36 -14.21
CA VAL B 146 4.45 15.04 -13.10
C VAL B 146 5.51 15.96 -13.68
N LEU B 147 5.57 17.20 -13.19
CA LEU B 147 6.57 18.17 -13.60
C LEU B 147 7.41 18.55 -12.37
N ARG B 148 8.63 19.00 -12.63
CA ARG B 148 9.54 19.49 -11.60
C ARG B 148 9.25 20.94 -11.27
N VAL B 149 9.13 21.25 -9.98
CA VAL B 149 8.81 22.61 -9.57
C VAL B 149 9.98 23.21 -8.78
N THR B 150 10.34 24.44 -9.14
CA THR B 150 11.37 25.18 -8.41
C THR B 150 10.82 26.52 -8.02
N GLY B 151 10.79 26.81 -6.72
CA GLY B 151 10.25 28.06 -6.23
C GLY B 151 11.15 29.22 -6.57
N ARG B 152 10.57 30.38 -6.89
CA ARG B 152 11.39 31.53 -7.27
C ARG B 152 11.23 32.75 -6.34
N SER B 153 10.03 33.26 -6.19
CA SER B 153 9.85 34.49 -5.44
C SER B 153 8.80 34.26 -4.36
N GLY B 154 8.79 35.17 -3.41
CA GLY B 154 7.85 35.10 -2.30
C GLY B 154 8.01 33.86 -1.43
N ARG B 155 6.86 33.35 -1.01
CA ARG B 155 6.75 32.20 -0.16
C ARG B 155 7.49 30.95 -0.70
N TYR B 156 7.65 30.88 -2.02
CA TYR B 156 8.18 29.68 -2.69
C TYR B 156 9.69 29.69 -2.82
N ALA B 157 10.31 30.84 -2.57
CA ALA B 157 11.74 31.01 -2.82
C ALA B 157 12.61 29.97 -2.11
N GLY B 158 13.57 29.42 -2.82
CA GLY B 158 14.46 28.45 -2.23
C GLY B 158 13.83 27.09 -1.93
N LYS B 159 12.59 26.87 -2.37
CA LYS B 159 11.95 25.57 -2.20
C LYS B 159 11.79 24.85 -3.55
N SER B 160 11.65 23.54 -3.52
CA SER B 160 11.43 22.80 -4.77
C SER B 160 10.60 21.57 -4.50
N GLY B 161 10.05 21.00 -5.57
CA GLY B 161 9.19 19.85 -5.45
C GLY B 161 8.62 19.44 -6.77
N PHE B 162 7.35 19.10 -6.76
CA PHE B 162 6.69 18.51 -7.91
C PHE B 162 5.32 19.08 -8.11
N MET B 163 4.86 18.96 -9.35
CA MET B 163 3.51 19.32 -9.76
C MET B 163 2.85 18.15 -10.47
N THR B 164 1.56 17.92 -10.23
CA THR B 164 0.81 16.94 -11.01
C THR B 164 -0.16 17.67 -11.92
N LEU B 165 -0.42 17.08 -13.06
CA LEU B 165 -1.37 17.58 -14.05
C LEU B 165 -2.21 16.43 -14.58
N ALA B 166 -3.54 16.58 -14.66
CA ALA B 166 -4.41 15.56 -15.28
C ALA B 166 -5.70 16.23 -15.80
N ILE B 167 -6.31 15.68 -16.82
CA ILE B 167 -7.54 16.27 -17.28
C ILE B 167 -8.58 16.00 -16.18
N SER B 168 -9.41 16.99 -15.89
CA SER B 168 -10.35 16.83 -14.79
C SER B 168 -11.81 16.97 -15.25
N ASP B 169 -12.07 17.78 -16.26
CA ASP B 169 -13.41 17.89 -16.82
C ASP B 169 -13.30 18.00 -18.34
N PRO B 170 -13.49 16.87 -19.01
CA PRO B 170 -13.32 16.90 -20.48
C PRO B 170 -14.53 17.47 -21.24
N ASN B 171 -15.62 17.77 -20.55
CA ASN B 171 -16.78 18.37 -21.22
C ASN B 171 -16.66 19.88 -21.36
N GLN B 172 -15.71 20.48 -20.65
CA GLN B 172 -15.47 21.90 -20.77
C GLN B 172 -14.58 22.20 -21.98
N ARG B 173 -14.78 23.41 -22.50
CA ARG B 173 -14.06 23.94 -23.65
C ARG B 173 -13.55 25.35 -23.36
N PRO B 174 -12.24 25.52 -23.17
CA PRO B 174 -11.22 24.47 -23.13
C PRO B 174 -11.37 23.58 -21.91
N PRO B 175 -10.75 22.41 -21.96
CA PRO B 175 -10.97 21.52 -20.81
C PRO B 175 -10.24 22.06 -19.58
N HIS B 176 -10.70 21.62 -18.42
CA HIS B 176 -10.02 21.96 -17.18
C HIS B 176 -9.12 20.82 -16.79
N TYR B 177 -8.01 21.15 -16.13
CA TYR B 177 -7.07 20.17 -15.59
C TYR B 177 -6.97 20.32 -14.10
N SER B 178 -6.79 19.22 -13.42
CA SER B 178 -6.55 19.23 -12.00
C SER B 178 -5.05 19.44 -11.80
N VAL B 179 -4.68 20.37 -10.91
CA VAL B 179 -3.27 20.69 -10.70
C VAL B 179 -3.02 20.59 -9.21
N GLN B 180 -1.88 20.01 -8.85
CA GLN B 180 -1.38 20.04 -7.47
C GLN B 180 0.06 20.44 -7.46
N VAL B 181 0.48 21.19 -6.45
CA VAL B 181 1.87 21.59 -6.34
C VAL B 181 2.31 21.43 -4.90
N VAL B 182 3.43 20.76 -4.71
CA VAL B 182 4.02 20.63 -3.35
C VAL B 182 5.50 20.96 -3.44
N LEU B 183 5.97 21.83 -2.53
CA LEU B 183 7.36 22.27 -2.46
C LEU B 183 7.87 22.18 -1.04
N CYS B 184 9.17 21.95 -0.92
CA CYS B 184 9.84 22.06 0.37
C CYS B 184 11.32 22.38 0.21
N PRO C 4 18.65 -20.82 1.79
CA PRO C 4 19.33 -19.82 2.63
C PRO C 4 19.15 -20.09 4.12
N GLN C 5 19.25 -19.06 4.95
CA GLN C 5 19.26 -19.30 6.38
C GLN C 5 17.87 -19.14 7.02
N ILE C 6 17.67 -19.99 8.00
CA ILE C 6 16.45 -20.06 8.78
C ILE C 6 16.94 -20.04 10.22
N ASP C 7 16.54 -19.02 10.96
CA ASP C 7 16.93 -18.90 12.34
C ASP C 7 16.65 -20.22 13.06
N GLU C 8 17.55 -20.62 13.94
CA GLU C 8 17.41 -21.91 14.60
C GLU C 8 16.09 -21.99 15.44
N ARG C 9 15.61 -20.88 15.98
CA ARG C 9 14.35 -20.93 16.74
C ARG C 9 13.19 -21.31 15.83
N ALA C 10 13.28 -20.96 14.55
CA ALA C 10 12.25 -21.38 13.60
C ALA C 10 12.41 -22.87 13.27
N MET C 11 13.65 -23.30 13.09
CA MET C 11 13.92 -24.70 12.81
C MET C 11 13.33 -25.58 13.92
N GLU C 12 13.45 -25.13 15.18
CA GLU C 12 13.04 -25.93 16.37
C GLU C 12 11.63 -25.67 16.87
N ALA C 13 10.90 -24.80 16.19
CA ALA C 13 9.61 -24.36 16.66
C ALA C 13 8.65 -25.54 16.80
N GLY C 14 8.83 -26.55 15.96
CA GLY C 14 8.02 -27.76 16.07
C GLY C 14 8.33 -28.55 17.35
N ALA C 15 9.60 -28.69 17.64
CA ALA C 15 10.03 -29.32 18.86
C ALA C 15 9.52 -28.53 20.08
N ALA C 16 9.58 -27.20 19.99
CA ALA C 16 9.08 -26.35 21.06
C ALA C 16 7.60 -26.61 21.30
N ALA C 17 6.81 -26.70 20.22
CA ALA C 17 5.40 -27.02 20.33
C ALA C 17 5.21 -28.38 21.03
N LEU C 18 6.03 -29.35 20.69
CA LEU C 18 5.87 -30.68 21.29
C LEU C 18 6.18 -30.71 22.80
N GLN C 19 6.93 -29.73 23.28
CA GLN C 19 7.25 -29.62 24.70
C GLN C 19 6.10 -28.93 25.50
N GLU C 20 5.11 -28.38 24.80
CA GLU C 20 3.95 -27.76 25.48
C GLU C 20 3.11 -28.78 26.25
N THR C 21 2.63 -28.37 27.41
CA THR C 21 1.76 -29.22 28.21
C THR C 21 0.29 -28.96 27.93
N ILE C 22 0.03 -27.86 27.24
CA ILE C 22 -1.30 -27.55 26.76
C ILE C 22 -1.34 -27.82 25.26
N VAL C 23 -2.23 -28.73 24.86
CA VAL C 23 -2.32 -29.19 23.47
C VAL C 23 -3.78 -29.08 23.08
N ASP C 24 -4.16 -27.93 22.52
CA ASP C 24 -5.56 -27.57 22.48
C ASP C 24 -5.97 -27.05 21.11
N PRO C 25 -6.02 -27.94 20.13
CA PRO C 25 -6.46 -27.59 18.77
C PRO C 25 -7.88 -27.13 18.71
N GLY C 26 -8.15 -26.20 17.80
CA GLY C 26 -9.43 -25.59 17.58
C GLY C 26 -9.61 -25.08 16.15
N PRO C 27 -9.61 -26.11 15.23
CA PRO C 27 -9.60 -25.66 13.83
C PRO C 27 -10.86 -24.93 13.39
N LEU C 28 -10.75 -24.22 12.29
CA LEU C 28 -11.87 -23.62 11.64
C LEU C 28 -11.86 -24.22 10.24
N ASP C 29 -12.98 -24.77 9.80
CA ASP C 29 -13.06 -25.33 8.45
C ASP C 29 -13.26 -24.23 7.41
N VAL C 30 -13.00 -24.51 6.13
CA VAL C 30 -13.11 -23.45 5.11
C VAL C 30 -14.51 -22.94 4.87
N THR C 31 -15.53 -23.76 5.07
CA THR C 31 -16.90 -23.28 4.92
C THR C 31 -17.18 -22.20 5.97
N ALA C 32 -16.78 -22.51 7.21
CA ALA C 32 -16.94 -21.56 8.30
C ALA C 32 -16.21 -20.26 7.99
N LEU C 33 -15.01 -20.41 7.44
CA LEU C 33 -14.19 -19.28 7.06
C LEU C 33 -14.88 -18.48 5.96
N ALA C 34 -15.54 -19.16 5.03
CA ALA C 34 -16.30 -18.47 3.99
C ALA C 34 -17.49 -17.71 4.51
N VAL C 35 -18.19 -18.28 5.49
CA VAL C 35 -19.26 -17.56 6.17
C VAL C 35 -18.72 -16.25 6.78
N ALA C 36 -17.57 -16.30 7.46
CA ALA C 36 -16.98 -15.08 8.03
C ALA C 36 -16.67 -14.06 6.93
N ALA C 37 -16.04 -14.52 5.86
CA ALA C 37 -15.66 -13.61 4.78
C ALA C 37 -16.88 -12.96 4.13
N ALA C 38 -17.92 -13.75 3.89
CA ALA C 38 -19.13 -13.26 3.23
C ALA C 38 -19.90 -12.33 4.15
N LEU C 39 -19.93 -12.68 5.43
CA LEU C 39 -20.53 -11.80 6.44
C LEU C 39 -19.78 -10.47 6.46
N ALA C 40 -18.45 -10.51 6.49
CA ALA C 40 -17.70 -9.27 6.55
C ALA C 40 -17.99 -8.40 5.32
N ALA C 41 -18.27 -9.04 4.21
CA ALA C 41 -18.50 -8.35 2.95
C ALA C 41 -19.96 -7.98 2.70
N GLY C 42 -20.86 -8.40 3.59
CA GLY C 42 -22.28 -8.14 3.41
C GLY C 42 -22.92 -8.99 2.31
N LEU C 43 -22.36 -10.18 2.04
CA LEU C 43 -22.87 -11.08 1.00
C LEU C 43 -23.51 -12.38 1.48
N HIS C 44 -23.77 -12.48 2.78
CA HIS C 44 -24.34 -13.70 3.33
C HIS C 44 -25.32 -13.23 4.35
N SER C 45 -26.34 -14.05 4.56
CA SER C 45 -27.43 -13.65 5.35
C SER C 45 -27.69 -14.59 6.44
N ALA C 46 -28.51 -14.06 7.35
CA ALA C 46 -29.08 -14.72 8.51
C ALA C 46 -30.51 -15.17 8.21
N ALA C 47 -30.72 -16.45 7.94
CA ALA C 47 -29.68 -17.35 7.58
C ALA C 47 -30.13 -18.31 6.53
N ASP C 48 -29.31 -18.41 5.53
CA ASP C 48 -29.21 -19.49 4.60
C ASP C 48 -28.23 -20.45 5.13
N ASP C 49 -28.11 -21.61 4.53
CA ASP C 49 -27.16 -22.56 5.00
C ASP C 49 -25.76 -21.97 4.92
N PRO C 50 -24.96 -22.40 5.98
CA PRO C 50 -23.58 -21.92 5.92
C PRO C 50 -22.91 -22.17 4.59
N ALA C 51 -23.23 -23.25 3.92
CA ALA C 51 -22.64 -23.62 2.62
C ALA C 51 -22.89 -22.62 1.48
N ALA C 52 -23.94 -21.84 1.61
CA ALA C 52 -24.22 -20.79 0.64
C ALA C 52 -23.09 -19.75 0.53
N ALA C 53 -22.33 -19.54 1.60
CA ALA C 53 -21.24 -18.55 1.58
C ALA C 53 -20.16 -18.94 0.57
N LEU C 54 -19.94 -20.23 0.46
CA LEU C 54 -18.96 -20.83 -0.44
C LEU C 54 -19.24 -20.49 -1.90
N ASP C 55 -20.52 -20.30 -2.24
CA ASP C 55 -20.87 -19.99 -3.62
C ASP C 55 -20.30 -18.66 -4.07
N LYS C 56 -20.17 -17.74 -3.13
CA LYS C 56 -19.70 -16.40 -3.40
C LYS C 56 -18.19 -16.16 -3.27
N CYS C 57 -17.46 -17.13 -2.76
CA CYS C 57 -16.08 -16.90 -2.36
C CYS C 57 -15.09 -17.57 -3.28
N ILE C 58 -13.90 -16.99 -3.33
CA ILE C 58 -12.72 -17.70 -3.82
C ILE C 58 -12.13 -18.47 -2.66
N VAL C 59 -11.92 -19.77 -2.83
CA VAL C 59 -11.48 -20.63 -1.72
C VAL C 59 -10.10 -21.22 -1.99
N LEU C 60 -9.17 -21.03 -1.07
CA LEU C 60 -7.87 -21.73 -1.13
C LEU C 60 -7.71 -22.55 0.13
N ASP C 61 -7.88 -23.86 -0.02
CA ASP C 61 -7.79 -24.76 1.12
C ASP C 61 -6.74 -25.86 0.94
N GLU C 62 -6.45 -26.56 2.02
CA GLU C 62 -5.51 -27.66 2.03
C GLU C 62 -4.15 -27.22 1.55
N LEU C 63 -3.76 -26.02 1.98
CA LEU C 63 -2.44 -25.49 1.71
C LEU C 63 -1.55 -25.77 2.89
N THR C 64 -0.30 -26.11 2.59
CA THR C 64 0.74 -26.26 3.60
C THR C 64 1.78 -25.18 3.38
N GLU C 65 2.32 -24.63 4.46
CA GLU C 65 3.39 -23.70 4.31
C GLU C 65 4.47 -23.93 5.32
N PHE C 66 5.68 -23.49 4.97
CA PHE C 66 6.82 -23.54 5.88
C PHE C 66 7.85 -22.51 5.48
N ALA C 67 8.73 -22.14 6.40
CA ALA C 67 9.73 -21.15 6.12
C ALA C 67 10.78 -21.74 5.17
N GLU C 68 11.16 -20.94 4.19
CA GLU C 68 12.32 -21.16 3.34
C GLU C 68 13.46 -20.24 3.76
N LYS C 69 13.10 -19.10 4.33
CA LYS C 69 14.07 -18.15 4.86
C LYS C 69 13.45 -17.43 6.07
N LEU C 70 14.23 -17.26 7.14
CA LEU C 70 13.75 -16.52 8.29
C LEU C 70 14.90 -15.90 9.06
N VAL C 71 14.88 -14.58 9.15
CA VAL C 71 15.91 -13.82 9.85
C VAL C 71 15.25 -13.07 10.99
N VAL C 72 15.87 -13.16 12.18
CA VAL C 72 15.41 -12.46 13.37
C VAL C 72 16.37 -11.34 13.75
N HIS C 73 15.84 -10.16 14.02
CA HIS C 73 16.63 -9.08 14.57
C HIS C 73 16.25 -8.84 16.01
N ASP C 74 17.05 -9.39 16.92
CA ASP C 74 16.69 -9.36 18.34
C ASP C 74 16.87 -8.01 19.02
N ARG C 75 15.93 -7.66 19.90
CA ARG C 75 16.05 -6.48 20.76
C ARG C 75 15.92 -6.85 22.21
N PRO C 76 16.59 -6.07 23.09
CA PRO C 76 16.60 -6.45 24.51
C PRO C 76 15.18 -6.61 25.04
N GLY C 77 14.94 -7.68 25.79
CA GLY C 77 13.64 -7.95 26.34
C GLY C 77 12.70 -8.59 25.36
N GLY C 78 13.13 -8.72 24.10
CA GLY C 78 12.31 -9.36 23.09
C GLY C 78 11.29 -8.43 22.46
N ILE C 79 10.92 -7.36 23.16
CA ILE C 79 9.91 -6.43 22.64
C ILE C 79 10.50 -5.57 21.50
N GLY C 80 9.84 -5.62 20.36
CA GLY C 80 10.28 -4.90 19.17
C GLY C 80 11.28 -5.69 18.35
N THR C 81 11.54 -6.92 18.76
CA THR C 81 12.28 -7.84 17.91
C THR C 81 11.56 -7.95 16.56
N THR C 82 12.30 -8.00 15.47
CA THR C 82 11.67 -8.07 14.15
C THR C 82 12.11 -9.35 13.44
N VAL C 83 11.24 -9.79 12.53
CA VAL C 83 11.42 -11.03 11.82
C VAL C 83 11.13 -10.77 10.35
N GLU C 84 12.00 -11.26 9.48
CA GLU C 84 11.76 -11.20 8.03
C GLU C 84 11.73 -12.61 7.52
N TYR C 85 10.73 -12.95 6.73
CA TYR C 85 10.64 -14.33 6.25
C TYR C 85 10.09 -14.49 4.86
N VAL C 86 10.50 -15.57 4.21
CA VAL C 86 9.91 -16.03 2.97
C VAL C 86 9.46 -17.46 3.20
N GLU C 87 8.21 -17.75 2.86
CA GLU C 87 7.68 -19.09 3.02
C GLU C 87 7.15 -19.61 1.71
N VAL C 88 7.03 -20.92 1.62
CA VAL C 88 6.49 -21.51 0.41
C VAL C 88 5.20 -22.21 0.73
N TYR C 89 4.29 -22.13 -0.24
CA TYR C 89 3.03 -22.85 -0.26
C TYR C 89 3.15 -24.13 -1.09
N GLU C 90 2.59 -25.22 -0.57
CA GLU C 90 2.49 -26.50 -1.28
C GLU C 90 1.07 -27.05 -1.20
N ASP C 91 0.66 -27.84 -2.18
CA ASP C 91 -0.61 -28.53 -2.05
C ASP C 91 -0.40 -29.86 -1.30
N ALA C 92 -1.49 -30.59 -1.12
CA ALA C 92 -1.45 -31.81 -0.31
C ALA C 92 -0.42 -32.82 -0.82
N SER C 93 -0.22 -32.85 -2.13
CA SER C 93 0.72 -33.78 -2.76
C SER C 93 2.17 -33.28 -2.78
N GLY C 94 2.42 -32.05 -2.30
CA GLY C 94 3.78 -31.51 -2.23
C GLY C 94 4.18 -30.69 -3.46
N VAL C 95 3.21 -30.34 -4.30
CA VAL C 95 3.48 -29.48 -5.45
C VAL C 95 3.57 -28.03 -4.98
N ARG C 96 4.66 -27.34 -5.32
CA ARG C 96 4.78 -25.93 -4.99
C ARG C 96 3.75 -25.07 -5.69
N LEU C 97 3.06 -24.22 -4.93
CA LEU C 97 2.03 -23.37 -5.48
C LEU C 97 2.45 -21.91 -5.56
N GLY C 98 3.43 -21.53 -4.75
CA GLY C 98 3.81 -20.13 -4.63
C GLY C 98 4.58 -19.86 -3.35
N THR C 99 4.71 -18.57 -3.04
CA THR C 99 5.46 -18.13 -1.87
C THR C 99 4.81 -16.90 -1.21
N ALA C 100 5.28 -16.56 -0.02
CA ALA C 100 4.86 -15.31 0.62
C ALA C 100 6.07 -14.68 1.23
N THR C 101 6.10 -13.34 1.22
CA THR C 101 7.17 -12.62 1.85
C THR C 101 6.54 -11.87 3.00
N GLY C 102 7.11 -12.01 4.19
CA GLY C 102 6.47 -11.41 5.35
C GLY C 102 7.42 -10.75 6.32
N ASN C 103 6.81 -9.93 7.17
CA ASN C 103 7.50 -9.24 8.22
C ASN C 103 6.69 -9.29 9.48
N ALA C 104 7.38 -9.45 10.59
CA ALA C 104 6.72 -9.44 11.87
C ALA C 104 7.51 -8.64 12.90
N VAL C 105 6.79 -8.16 13.91
CA VAL C 105 7.31 -7.46 15.07
C VAL C 105 6.75 -8.07 16.37
N VAL C 106 7.64 -8.37 17.33
CA VAL C 106 7.21 -8.83 18.62
C VAL C 106 6.63 -7.67 19.39
N LEU C 107 5.36 -7.83 19.74
CA LEU C 107 4.61 -6.80 20.46
C LEU C 107 4.70 -7.00 21.95
N LYS C 108 4.80 -8.26 22.35
CA LYS C 108 4.73 -8.63 23.76
C LYS C 108 5.33 -10.02 23.91
N MET C 109 5.95 -10.31 25.06
CA MET C 109 6.61 -11.57 25.32
C MET C 109 5.92 -12.51 26.33
N GLU C 110 5.41 -11.91 27.38
CA GLU C 110 4.87 -12.60 28.54
C GLU C 110 3.55 -11.95 28.94
N PRO C 111 2.48 -12.70 29.45
CA PRO C 111 2.61 -14.17 29.53
C PRO C 111 2.60 -14.97 28.24
N HIS C 112 1.98 -14.37 27.25
CA HIS C 112 2.01 -14.90 25.89
C HIS C 112 2.86 -14.01 24.98
N MET C 113 3.57 -14.62 24.05
CA MET C 113 4.20 -13.85 23.00
C MET C 113 3.19 -13.49 21.90
N TRP C 114 3.14 -12.20 21.55
CA TRP C 114 2.30 -11.70 20.45
C TRP C 114 3.16 -11.09 19.38
N GLN C 115 2.80 -11.32 18.11
CA GLN C 115 3.49 -10.70 16.99
C GLN C 115 2.50 -10.06 16.03
N PHE C 116 2.87 -8.88 15.56
CA PHE C 116 2.18 -8.28 14.45
C PHE C 116 2.76 -8.86 13.19
N HIS C 117 1.90 -9.35 12.30
CA HIS C 117 2.36 -9.94 11.05
C HIS C 117 1.75 -9.28 9.83
N GLN C 118 2.56 -9.09 8.81
CA GLN C 118 2.07 -8.78 7.47
C GLN C 118 2.82 -9.56 6.39
N SER C 119 2.12 -10.07 5.40
CA SER C 119 2.81 -10.80 4.34
C SER C 119 2.08 -10.58 3.02
N VAL C 120 2.81 -10.75 1.94
CA VAL C 120 2.23 -10.68 0.63
C VAL C 120 2.49 -12.00 -0.06
N SER C 121 1.41 -12.63 -0.51
CA SER C 121 1.46 -13.96 -1.10
C SER C 121 1.38 -13.90 -2.62
N GLU C 122 2.22 -14.69 -3.27
CA GLU C 122 2.26 -14.77 -4.74
C GLU C 122 1.88 -16.18 -5.18
N LEU C 123 0.73 -16.32 -5.85
CA LEU C 123 0.32 -17.59 -6.42
C LEU C 123 0.20 -17.41 -7.94
N ALA C 124 -0.15 -18.48 -8.65
CA ALA C 124 -0.26 -18.46 -10.11
C ALA C 124 -1.29 -17.44 -10.67
N ASP C 125 -2.41 -17.30 -9.99
CA ASP C 125 -3.49 -16.43 -10.47
C ASP C 125 -3.59 -15.10 -9.71
N GLY C 126 -2.55 -14.74 -8.95
CA GLY C 126 -2.47 -13.45 -8.30
C GLY C 126 -1.82 -13.38 -6.93
N SER C 127 -1.99 -12.24 -6.28
CA SER C 127 -1.37 -11.97 -5.02
C SER C 127 -2.36 -11.34 -4.01
N PHE C 128 -2.10 -11.55 -2.72
CA PHE C 128 -2.91 -10.93 -1.69
C PHE C 128 -2.06 -10.65 -0.47
N GLU C 129 -2.52 -9.69 0.32
CA GLU C 129 -1.90 -9.31 1.57
C GLU C 129 -2.65 -9.93 2.72
N ALA C 130 -1.92 -10.31 3.75
CA ALA C 130 -2.50 -10.80 5.00
C ALA C 130 -1.93 -9.92 6.10
N VAL C 131 -2.77 -9.54 7.06
CA VAL C 131 -2.37 -8.72 8.20
C VAL C 131 -3.02 -9.29 9.44
N GLY C 132 -2.25 -9.48 10.50
CA GLY C 132 -2.83 -9.91 11.75
C GLY C 132 -2.00 -9.69 12.99
N VAL C 133 -2.68 -9.89 14.12
CA VAL C 133 -2.12 -9.76 15.43
C VAL C 133 -2.24 -11.16 16.02
N ILE C 134 -1.11 -11.83 16.14
CA ILE C 134 -1.07 -13.27 16.39
C ILE C 134 -0.50 -13.63 17.73
N ASP C 135 -1.21 -14.50 18.45
CA ASP C 135 -0.78 -15.02 19.73
C ASP C 135 0.08 -16.26 19.43
N CYS C 136 1.39 -16.07 19.50
CA CYS C 136 2.33 -17.12 19.16
C CYS C 136 2.35 -18.24 20.19
N THR C 137 2.03 -17.91 21.43
CA THR C 137 1.95 -18.94 22.48
C THR C 137 0.74 -19.83 22.23
N ALA C 138 -0.39 -19.21 21.89
CA ALA C 138 -1.58 -20.00 21.51
C ALA C 138 -1.28 -20.91 20.29
N MET C 139 -0.52 -20.41 19.34
CA MET C 139 -0.15 -21.21 18.16
C MET C 139 0.68 -22.46 18.53
N LEU C 140 1.64 -22.30 19.42
CA LEU C 140 2.44 -23.46 19.90
C LEU C 140 1.57 -24.48 20.62
N ARG C 141 0.55 -23.98 21.31
CA ARG C 141 -0.39 -24.82 22.04
C ARG C 141 -1.51 -25.29 21.10
N ARG C 142 -1.23 -25.18 19.79
CA ARG C 142 -2.00 -25.82 18.69
C ARG C 142 -3.20 -25.06 18.18
N MET C 143 -3.43 -23.88 18.70
CA MET C 143 -4.63 -23.14 18.30
C MET C 143 -4.45 -22.52 16.92
N THR C 144 -5.59 -22.26 16.29
CA THR C 144 -5.66 -21.57 15.04
C THR C 144 -5.71 -20.04 15.28
N GLN C 145 -5.00 -19.30 14.43
CA GLN C 145 -5.03 -17.85 14.45
C GLN C 145 -5.54 -17.37 13.09
N VAL C 146 -6.22 -16.22 13.12
CA VAL C 146 -6.88 -15.67 11.94
C VAL C 146 -6.22 -14.36 11.52
N LEU C 147 -5.99 -14.20 10.22
CA LEU C 147 -5.48 -12.94 9.68
C LEU C 147 -6.46 -12.37 8.66
N ARG C 148 -6.43 -11.04 8.52
CA ARG C 148 -7.29 -10.34 7.55
C ARG C 148 -6.60 -10.36 6.20
N VAL C 149 -7.35 -10.67 5.15
CA VAL C 149 -6.78 -10.79 3.79
C VAL C 149 -7.38 -9.74 2.86
N THR C 150 -6.49 -9.10 2.10
CA THR C 150 -6.90 -8.15 1.06
C THR C 150 -6.21 -8.51 -0.24
N GLY C 151 -7.03 -8.74 -1.26
CA GLY C 151 -6.49 -9.09 -2.57
C GLY C 151 -5.75 -7.91 -3.18
N ARG C 152 -4.66 -8.21 -3.88
CA ARG C 152 -3.80 -7.18 -4.47
C ARG C 152 -3.82 -7.20 -5.99
N SER C 153 -3.66 -8.39 -6.58
CA SER C 153 -3.55 -8.51 -8.03
C SER C 153 -4.24 -9.74 -8.57
N GLY C 154 -4.43 -9.75 -9.88
CA GLY C 154 -5.01 -10.89 -10.58
C GLY C 154 -6.41 -11.17 -10.09
N ARG C 155 -6.70 -12.45 -9.97
CA ARG C 155 -7.99 -12.97 -9.52
C ARG C 155 -8.47 -12.40 -8.16
N TYR C 156 -7.53 -12.00 -7.31
CA TYR C 156 -7.84 -11.56 -5.96
C TYR C 156 -8.18 -10.07 -5.86
N ALA C 157 -7.86 -9.31 -6.91
CA ALA C 157 -8.01 -7.86 -6.86
C ALA C 157 -9.45 -7.45 -6.51
N GLY C 158 -9.58 -6.46 -5.65
CA GLY C 158 -10.87 -5.97 -5.23
C GLY C 158 -11.61 -6.91 -4.28
N LYS C 159 -10.96 -7.97 -3.81
CA LYS C 159 -11.63 -8.89 -2.88
C LYS C 159 -10.96 -8.91 -1.53
N SER C 160 -11.67 -9.38 -0.52
CA SER C 160 -11.07 -9.45 0.80
C SER C 160 -11.69 -10.56 1.62
N GLY C 161 -11.01 -10.92 2.70
CA GLY C 161 -11.50 -12.00 3.52
C GLY C 161 -10.59 -12.33 4.65
N PHE C 162 -10.41 -13.64 4.88
CA PHE C 162 -9.67 -14.12 6.03
C PHE C 162 -8.77 -15.29 5.67
N MET C 163 -7.73 -15.44 6.48
CA MET C 163 -6.79 -16.55 6.43
C MET C 163 -6.75 -17.21 7.80
N THR C 164 -6.64 -18.54 7.85
CA THR C 164 -6.35 -19.26 9.06
C THR C 164 -4.95 -19.82 8.99
N LEU C 165 -4.30 -19.88 10.14
CA LEU C 165 -2.97 -20.42 10.27
C LEU C 165 -2.91 -21.31 11.53
N ALA C 166 -2.42 -22.54 11.39
CA ALA C 166 -2.20 -23.42 12.56
C ALA C 166 -1.04 -24.37 12.29
N ILE C 167 -0.33 -24.78 13.33
CA ILE C 167 0.76 -25.70 13.14
C ILE C 167 0.13 -27.02 12.69
N SER C 168 0.76 -27.69 11.73
CA SER C 168 0.18 -28.92 11.18
C SER C 168 1.09 -30.13 11.29
N ASP C 169 2.41 -29.91 11.18
CA ASP C 169 3.38 -30.97 11.45
C ASP C 169 4.58 -30.47 12.25
N PRO C 170 4.53 -30.65 13.58
CA PRO C 170 5.65 -30.17 14.40
C PRO C 170 6.89 -31.05 14.33
N ASN C 171 6.82 -32.18 13.65
CA ASN C 171 7.97 -33.08 13.58
C ASN C 171 8.98 -32.66 12.50
N GLN C 172 8.57 -31.73 11.64
CA GLN C 172 9.47 -31.19 10.61
C GLN C 172 10.33 -30.07 11.14
N ARG C 173 11.46 -29.86 10.47
CA ARG C 173 12.38 -28.78 10.78
C ARG C 173 12.67 -28.04 9.48
N PRO C 174 12.14 -26.82 9.31
CA PRO C 174 11.21 -26.09 10.18
C PRO C 174 9.83 -26.71 10.11
N PRO C 175 8.96 -26.39 11.08
CA PRO C 175 7.66 -27.07 11.15
C PRO C 175 6.78 -26.68 9.97
N HIS C 176 5.79 -27.52 9.66
CA HIS C 176 4.80 -27.18 8.64
C HIS C 176 3.52 -26.63 9.26
N TYR C 177 2.87 -25.71 8.54
CA TYR C 177 1.61 -25.07 8.99
C TYR C 177 0.54 -25.34 7.96
N SER C 178 -0.69 -25.46 8.44
CA SER C 178 -1.87 -25.52 7.61
C SER C 178 -2.41 -24.08 7.41
N VAL C 179 -2.70 -23.72 6.17
CA VAL C 179 -3.18 -22.37 5.85
C VAL C 179 -4.42 -22.53 5.01
N GLN C 180 -5.42 -21.68 5.27
CA GLN C 180 -6.60 -21.56 4.41
C GLN C 180 -6.86 -20.10 4.13
N VAL C 181 -7.33 -19.78 2.93
CA VAL C 181 -7.64 -18.39 2.59
C VAL C 181 -8.98 -18.37 1.86
N VAL C 182 -9.85 -17.46 2.27
CA VAL C 182 -11.11 -17.25 1.59
C VAL C 182 -11.32 -15.77 1.40
N LEU C 183 -11.69 -15.40 0.18
CA LEU C 183 -11.93 -14.02 -0.24
C LEU C 183 -13.25 -13.87 -0.98
N CYS C 184 -13.87 -12.69 -0.88
CA CYS C 184 -15.03 -12.39 -1.70
C CYS C 184 -15.21 -10.90 -1.90
N PRO D 4 -33.90 -5.78 30.19
CA PRO D 4 -34.57 -6.73 29.31
C PRO D 4 -33.93 -8.11 29.50
N GLN D 5 -34.09 -9.00 28.53
CA GLN D 5 -33.60 -10.34 28.75
C GLN D 5 -32.20 -10.56 28.18
N ILE D 6 -31.54 -11.43 28.92
CA ILE D 6 -30.22 -11.88 28.62
C ILE D 6 -30.40 -13.37 28.67
N ASP D 7 -30.11 -14.01 27.55
CA ASP D 7 -30.21 -15.45 27.45
C ASP D 7 -29.42 -16.16 28.53
N GLU D 8 -29.98 -17.24 29.05
CA GLU D 8 -29.38 -17.96 30.17
C GLU D 8 -27.96 -18.41 29.84
N ARG D 9 -27.71 -18.73 28.57
CA ARG D 9 -26.37 -19.14 28.19
C ARG D 9 -25.34 -18.03 28.38
N ALA D 10 -25.77 -16.78 28.24
CA ALA D 10 -24.91 -15.62 28.51
C ALA D 10 -24.77 -15.39 30.00
N MET D 11 -25.88 -15.53 30.72
CA MET D 11 -25.85 -15.33 32.16
C MET D 11 -24.88 -16.26 32.85
N GLU D 12 -24.79 -17.49 32.36
CA GLU D 12 -24.05 -18.55 33.06
C GLU D 12 -22.65 -18.80 32.55
N ALA D 13 -22.25 -18.05 31.52
CA ALA D 13 -20.98 -18.31 30.86
C ALA D 13 -19.79 -18.13 31.80
N GLY D 14 -19.94 -17.25 32.78
CA GLY D 14 -18.89 -17.05 33.76
C GLY D 14 -18.67 -18.31 34.58
N ALA D 15 -19.75 -18.96 34.99
CA ALA D 15 -19.64 -20.23 35.72
C ALA D 15 -18.92 -21.27 34.86
N ALA D 16 -19.19 -21.27 33.57
CA ALA D 16 -18.52 -22.19 32.65
C ALA D 16 -17.01 -21.93 32.61
N ALA D 17 -16.62 -20.66 32.52
CA ALA D 17 -15.21 -20.32 32.53
C ALA D 17 -14.52 -20.86 33.78
N LEU D 18 -15.19 -20.75 34.93
CA LEU D 18 -14.58 -21.17 36.19
C LEU D 18 -14.41 -22.68 36.28
N GLN D 19 -15.14 -23.43 35.45
CA GLN D 19 -14.95 -24.90 35.33
C GLN D 19 -13.78 -25.31 34.44
N GLU D 20 -13.18 -24.37 33.71
CA GLU D 20 -12.05 -24.74 32.82
C GLU D 20 -10.84 -25.19 33.62
N THR D 21 -10.12 -26.19 33.10
CA THR D 21 -8.88 -26.62 33.71
C THR D 21 -7.67 -25.96 33.06
N ILE D 22 -7.88 -25.36 31.89
CA ILE D 22 -6.84 -24.56 31.22
C ILE D 22 -7.21 -23.09 31.49
N VAL D 23 -6.33 -22.39 32.20
CA VAL D 23 -6.55 -21.03 32.65
C VAL D 23 -5.31 -20.26 32.22
N ASP D 24 -5.38 -19.69 31.03
CA ASP D 24 -4.20 -19.31 30.26
C ASP D 24 -4.27 -17.90 29.62
N PRO D 25 -4.27 -16.89 30.60
CA PRO D 25 -4.36 -15.52 30.06
C PRO D 25 -3.11 -15.08 29.30
N GLY D 26 -3.30 -14.17 28.36
CA GLY D 26 -2.25 -13.60 27.57
C GLY D 26 -2.64 -12.27 26.94
N PRO D 27 -2.75 -11.26 27.89
CA PRO D 27 -3.20 -9.99 27.34
C PRO D 27 -2.10 -9.17 26.61
N LEU D 28 -2.54 -8.09 26.00
CA LEU D 28 -1.68 -7.09 25.36
C LEU D 28 -1.80 -5.79 26.14
N ASP D 29 -0.72 -5.07 26.36
CA ASP D 29 -0.81 -3.72 26.94
C ASP D 29 -1.19 -2.73 25.84
N VAL D 30 -1.70 -1.53 26.16
CA VAL D 30 -2.09 -0.60 25.09
C VAL D 30 -0.93 -0.09 24.25
N THR D 31 0.26 -0.02 24.83
CA THR D 31 1.39 0.44 24.04
C THR D 31 1.63 -0.57 22.92
N ALA D 32 1.56 -1.85 23.24
CA ALA D 32 1.69 -2.89 22.23
C ALA D 32 0.60 -2.80 21.13
N LEU D 33 -0.62 -2.51 21.57
CA LEU D 33 -1.74 -2.34 20.65
C LEU D 33 -1.57 -1.13 19.74
N ALA D 34 -1.03 -0.06 20.31
CA ALA D 34 -0.76 1.14 19.54
C ALA D 34 0.30 0.88 18.50
N VAL D 35 1.34 0.11 18.83
CA VAL D 35 2.31 -0.26 17.81
C VAL D 35 1.64 -1.02 16.67
N ALA D 36 0.81 -2.01 17.00
CA ALA D 36 0.10 -2.78 15.98
C ALA D 36 -0.79 -1.86 15.13
N ALA D 37 -1.55 -0.98 15.79
CA ALA D 37 -2.49 -0.14 15.06
C ALA D 37 -1.75 0.78 14.08
N ALA D 38 -0.64 1.34 14.54
CA ALA D 38 0.16 2.23 13.72
C ALA D 38 0.80 1.46 12.58
N LEU D 39 1.31 0.27 12.86
CA LEU D 39 1.88 -0.55 11.79
C LEU D 39 0.83 -0.89 10.73
N ALA D 40 -0.34 -1.31 11.18
CA ALA D 40 -1.44 -1.66 10.28
C ALA D 40 -1.86 -0.50 9.37
N ALA D 41 -1.71 0.71 9.89
CA ALA D 41 -2.13 1.92 9.21
C ALA D 41 -1.04 2.42 8.25
N GLY D 42 0.03 1.64 8.13
CA GLY D 42 1.14 1.95 7.25
C GLY D 42 2.04 3.07 7.75
N LEU D 43 1.95 3.35 9.04
CA LEU D 43 2.86 4.18 9.77
C LEU D 43 4.12 3.50 10.30
N HIS D 44 4.98 4.27 10.87
CA HIS D 44 6.11 3.73 11.58
C HIS D 44 5.80 3.93 13.07
N SER D 45 6.04 2.92 13.85
CA SER D 45 6.00 3.08 15.28
C SER D 45 6.76 1.95 15.92
N ALA D 46 7.25 2.21 17.11
CA ALA D 46 8.13 1.28 17.86
C ALA D 46 9.62 1.24 17.57
N ALA D 47 10.20 2.14 16.81
CA ALA D 47 11.66 2.25 16.78
C ALA D 47 11.98 3.22 17.90
N ASP D 48 11.52 4.47 17.74
CA ASP D 48 11.42 5.51 18.79
C ASP D 48 10.43 4.85 19.63
N ASP D 49 10.42 5.19 20.91
CA ASP D 49 9.69 4.35 21.80
C ASP D 49 8.23 4.30 21.38
N PRO D 50 7.70 3.04 21.66
CA PRO D 50 6.28 2.94 21.30
C PRO D 50 5.42 4.07 21.85
N ALA D 51 5.90 4.82 22.83
CA ALA D 51 5.26 6.07 23.27
C ALA D 51 5.14 7.25 22.24
N ALA D 52 6.03 7.28 21.28
CA ALA D 52 5.75 8.03 20.10
C ALA D 52 4.55 7.33 19.48
N ALA D 53 4.51 6.02 19.59
CA ALA D 53 3.41 5.23 19.04
C ALA D 53 2.11 5.56 19.72
N LEU D 54 2.14 5.74 21.02
CA LEU D 54 0.94 6.13 21.74
C LEU D 54 0.37 7.47 21.34
N ASP D 55 1.24 8.45 21.15
CA ASP D 55 0.74 9.78 20.80
C ASP D 55 0.07 9.86 19.43
N LYS D 56 0.38 8.96 18.53
CA LYS D 56 -0.24 8.92 17.23
C LYS D 56 -1.70 8.40 17.29
N CYS D 57 -2.07 7.81 18.42
CA CYS D 57 -3.30 7.04 18.56
C CYS D 57 -4.35 7.64 19.48
N ILE D 58 -5.60 7.33 19.20
CA ILE D 58 -6.64 7.43 20.20
C ILE D 58 -6.60 6.14 21.01
N VAL D 59 -6.43 6.23 22.33
CA VAL D 59 -6.21 5.05 23.18
C VAL D 59 -7.32 4.93 24.20
N LEU D 60 -8.02 3.79 24.22
CA LEU D 60 -9.00 3.56 25.25
C LEU D 60 -8.61 2.30 25.98
N ASP D 61 -8.10 2.47 27.21
CA ASP D 61 -7.62 1.35 28.00
C ASP D 61 -8.57 1.13 29.17
N GLU D 62 -8.47 -0.05 29.76
CA GLU D 62 -9.17 -0.36 31.00
C GLU D 62 -10.66 -0.20 30.94
N LEU D 63 -11.28 -0.58 29.82
CA LEU D 63 -12.69 -0.51 29.75
C LEU D 63 -13.24 -1.85 30.26
N THR D 64 -14.36 -1.78 30.94
CA THR D 64 -15.10 -2.98 31.30
C THR D 64 -16.35 -2.97 30.45
N GLU D 65 -16.75 -4.15 29.99
CA GLU D 65 -18.04 -4.27 29.33
C GLU D 65 -18.80 -5.49 29.77
N PHE D 66 -20.12 -5.41 29.65
CA PHE D 66 -20.97 -6.52 29.93
C PHE D 66 -22.28 -6.33 29.21
N ALA D 67 -22.96 -7.43 28.98
CA ALA D 67 -24.23 -7.43 28.28
C ALA D 67 -25.36 -6.85 29.12
N GLU D 68 -26.18 -6.04 28.46
CA GLU D 68 -27.45 -5.53 28.98
C GLU D 68 -28.65 -6.22 28.35
N LYS D 69 -28.47 -6.65 27.11
CA LYS D 69 -29.46 -7.42 26.41
C LYS D 69 -28.73 -8.43 25.52
N LEU D 70 -29.22 -9.66 25.47
CA LEU D 70 -28.66 -10.65 24.58
C LEU D 70 -29.70 -11.68 24.19
N VAL D 71 -29.98 -11.75 22.90
CA VAL D 71 -30.96 -12.70 22.41
C VAL D 71 -30.27 -13.62 21.43
N VAL D 72 -30.53 -14.91 21.58
CA VAL D 72 -29.98 -15.96 20.72
C VAL D 72 -31.09 -16.48 19.82
N HIS D 73 -30.81 -16.56 18.53
CA HIS D 73 -31.72 -17.17 17.57
C HIS D 73 -31.13 -18.50 17.12
N ASP D 74 -31.61 -19.56 17.73
CA ASP D 74 -31.04 -20.89 17.55
C ASP D 74 -31.38 -21.49 16.19
N ARG D 75 -30.38 -22.13 15.61
CA ARG D 75 -30.54 -22.86 14.36
C ARG D 75 -30.15 -24.31 14.63
N PRO D 76 -30.92 -25.26 14.08
CA PRO D 76 -30.69 -26.65 14.48
C PRO D 76 -29.27 -27.17 14.19
N GLY D 77 -28.65 -27.82 15.19
CA GLY D 77 -27.27 -28.29 15.10
C GLY D 77 -26.29 -27.22 15.59
N GLY D 78 -26.80 -26.02 15.82
CA GLY D 78 -25.98 -24.95 16.36
C GLY D 78 -25.16 -24.11 15.39
N ILE D 79 -24.77 -24.67 14.24
CA ILE D 79 -23.97 -23.92 13.27
C ILE D 79 -24.89 -22.89 12.58
N GLY D 80 -24.52 -21.61 12.56
CA GLY D 80 -25.38 -20.57 11.98
C GLY D 80 -26.38 -19.97 12.94
N THR D 81 -26.34 -20.43 14.18
CA THR D 81 -27.04 -19.76 15.25
C THR D 81 -26.56 -18.29 15.33
N THR D 82 -27.48 -17.36 15.54
CA THR D 82 -27.13 -15.93 15.63
C THR D 82 -27.40 -15.36 17.00
N VAL D 83 -26.68 -14.27 17.26
CA VAL D 83 -26.77 -13.57 18.52
C VAL D 83 -26.90 -12.08 18.26
N GLU D 84 -27.82 -11.44 18.96
CA GLU D 84 -27.95 -9.98 18.95
C GLU D 84 -27.74 -9.49 20.36
N TYR D 85 -26.89 -8.49 20.55
CA TYR D 85 -26.62 -8.02 21.89
C TYR D 85 -26.44 -6.51 21.99
N VAL D 86 -26.74 -6.02 23.19
CA VAL D 86 -26.48 -4.63 23.56
C VAL D 86 -25.64 -4.69 24.82
N GLU D 87 -24.52 -3.99 24.82
CA GLU D 87 -23.65 -3.99 25.98
C GLU D 87 -23.30 -2.61 26.38
N VAL D 88 -22.88 -2.49 27.63
CA VAL D 88 -22.46 -1.21 28.17
C VAL D 88 -20.98 -1.24 28.46
N TYR D 89 -20.36 -0.10 28.23
CA TYR D 89 -18.98 0.19 28.59
C TYR D 89 -18.92 1.05 29.87
N GLU D 90 -18.03 0.70 30.79
CA GLU D 90 -17.72 1.44 32.01
C GLU D 90 -16.22 1.60 32.15
N ASP D 91 -15.76 2.64 32.84
CA ASP D 91 -14.35 2.68 33.21
C ASP D 91 -14.14 1.95 34.53
N ALA D 92 -12.89 1.92 34.98
CA ALA D 92 -12.48 1.15 36.16
C ALA D 92 -13.22 1.59 37.41
N SER D 93 -13.58 2.87 37.46
CA SER D 93 -14.35 3.37 38.59
C SER D 93 -15.84 3.10 38.46
N GLY D 94 -16.28 2.55 37.33
CA GLY D 94 -17.67 2.16 37.17
C GLY D 94 -18.57 3.23 36.56
N VAL D 95 -17.98 4.28 36.01
CA VAL D 95 -18.73 5.31 35.29
C VAL D 95 -19.02 4.84 33.87
N ARG D 96 -20.28 4.86 33.48
CA ARG D 96 -20.67 4.48 32.13
C ARG D 96 -20.06 5.41 31.06
N LEU D 97 -19.47 4.80 30.05
CA LEU D 97 -18.80 5.50 28.96
C LEU D 97 -19.63 5.49 27.65
N GLY D 98 -20.51 4.51 27.51
CA GLY D 98 -21.20 4.34 26.25
C GLY D 98 -21.76 2.94 26.10
N THR D 99 -22.13 2.59 24.87
CA THR D 99 -22.73 1.29 24.62
C THR D 99 -22.23 0.76 23.29
N ALA D 100 -22.51 -0.52 23.07
CA ALA D 100 -22.29 -1.16 21.80
C ALA D 100 -23.48 -2.05 21.51
N THR D 101 -23.83 -2.10 20.24
CA THR D 101 -24.85 -2.99 19.73
C THR D 101 -24.16 -3.88 18.71
N GLY D 102 -24.34 -5.18 18.85
CA GLY D 102 -23.63 -6.11 18.01
C GLY D 102 -24.47 -7.30 17.61
N ASN D 103 -23.93 -8.02 16.63
CA ASN D 103 -24.53 -9.23 16.08
C ASN D 103 -23.40 -10.26 15.91
N ALA D 104 -23.68 -11.53 16.18
CA ALA D 104 -22.70 -12.58 16.03
C ALA D 104 -23.34 -13.78 15.33
N VAL D 105 -22.48 -14.56 14.66
CA VAL D 105 -22.86 -15.79 13.97
C VAL D 105 -21.91 -16.88 14.43
N VAL D 106 -22.46 -18.01 14.87
CA VAL D 106 -21.69 -19.19 15.21
C VAL D 106 -21.20 -19.87 13.95
N LEU D 107 -19.88 -19.96 13.83
CA LEU D 107 -19.25 -20.54 12.65
C LEU D 107 -19.00 -22.02 12.86
N LYS D 108 -18.74 -22.37 14.11
CA LYS D 108 -18.28 -23.72 14.44
C LYS D 108 -18.48 -23.90 15.94
N MET D 109 -18.75 -25.14 16.37
CA MET D 109 -18.93 -25.40 17.82
C MET D 109 -17.85 -26.24 18.45
N GLU D 110 -17.29 -27.18 17.71
CA GLU D 110 -16.36 -28.18 18.26
C GLU D 110 -15.14 -28.36 17.35
N PRO D 111 -13.97 -28.59 17.95
CA PRO D 111 -13.64 -28.67 19.37
C PRO D 111 -13.66 -27.31 20.05
N HIS D 112 -13.43 -26.24 19.27
CA HIS D 112 -13.55 -24.87 19.78
C HIS D 112 -14.75 -24.19 19.10
N MET D 113 -15.51 -23.41 19.87
CA MET D 113 -16.59 -22.64 19.28
C MET D 113 -16.00 -21.34 18.69
N TRP D 114 -16.32 -21.09 17.44
CA TRP D 114 -15.89 -19.86 16.76
C TRP D 114 -17.11 -19.05 16.39
N GLN D 115 -16.99 -17.73 16.56
CA GLN D 115 -18.04 -16.78 16.18
C GLN D 115 -17.52 -15.58 15.36
N PHE D 116 -18.29 -15.21 14.36
CA PHE D 116 -18.13 -13.94 13.67
C PHE D 116 -18.86 -12.85 14.43
N HIS D 117 -18.19 -11.75 14.76
CA HIS D 117 -18.82 -10.63 15.46
C HIS D 117 -18.70 -9.37 14.65
N GLN D 118 -19.77 -8.58 14.64
CA GLN D 118 -19.67 -7.21 14.18
C GLN D 118 -20.48 -6.33 15.12
N SER D 119 -19.93 -5.18 15.48
CA SER D 119 -20.60 -4.29 16.42
C SER D 119 -20.26 -2.83 16.14
N VAL D 120 -21.14 -1.95 16.62
CA VAL D 120 -20.91 -0.52 16.57
C VAL D 120 -20.97 0.00 17.99
N SER D 121 -19.91 0.68 18.39
CA SER D 121 -19.74 1.23 19.71
C SER D 121 -20.02 2.74 19.65
N GLU D 122 -20.85 3.25 20.57
CA GLU D 122 -21.19 4.69 20.65
C GLU D 122 -20.65 5.21 21.97
N LEU D 123 -19.66 6.09 21.88
CA LEU D 123 -19.09 6.70 23.08
C LEU D 123 -19.47 8.20 23.09
N ALA D 124 -19.02 8.94 24.11
CA ALA D 124 -19.38 10.35 24.25
C ALA D 124 -18.95 11.18 23.04
N ASP D 125 -17.80 10.82 22.49
CA ASP D 125 -17.18 11.55 21.40
C ASP D 125 -17.22 10.90 20.01
N GLY D 126 -18.05 9.88 19.82
CA GLY D 126 -18.16 9.29 18.49
C GLY D 126 -18.39 7.79 18.53
N SER D 127 -18.23 7.18 17.37
CA SER D 127 -18.55 5.78 17.19
C SER D 127 -17.48 5.08 16.31
N PHE D 128 -17.38 3.76 16.51
CA PHE D 128 -16.52 2.91 15.72
C PHE D 128 -17.12 1.52 15.60
N GLU D 129 -16.72 0.85 14.56
CA GLU D 129 -17.19 -0.52 14.33
C GLU D 129 -16.06 -1.49 14.60
N ALA D 130 -16.40 -2.65 15.13
CA ALA D 130 -15.47 -3.73 15.37
C ALA D 130 -15.94 -4.94 14.58
N VAL D 131 -14.99 -5.64 13.99
CA VAL D 131 -15.26 -6.85 13.25
C VAL D 131 -14.20 -7.88 13.60
N GLY D 132 -14.64 -9.09 13.92
CA GLY D 132 -13.70 -10.16 14.17
C GLY D 132 -14.20 -11.56 14.09
N VAL D 133 -13.24 -12.46 14.07
CA VAL D 133 -13.45 -13.88 14.03
C VAL D 133 -12.82 -14.42 15.31
N ILE D 134 -13.65 -14.82 16.25
CA ILE D 134 -13.09 -15.08 17.54
C ILE D 134 -13.39 -16.48 18.07
N ASP D 135 -12.37 -16.99 18.74
CA ASP D 135 -12.36 -18.29 19.35
C ASP D 135 -12.91 -18.16 20.77
N CYS D 136 -14.18 -18.52 20.92
CA CYS D 136 -14.90 -18.40 22.16
C CYS D 136 -14.43 -19.39 23.23
N THR D 137 -13.94 -20.53 22.79
CA THR D 137 -13.39 -21.52 23.71
C THR D 137 -12.09 -20.99 24.31
N ALA D 138 -11.22 -20.43 23.47
CA ALA D 138 -10.04 -19.76 23.95
C ALA D 138 -10.39 -18.64 24.93
N MET D 139 -11.44 -17.87 24.64
CA MET D 139 -11.90 -16.82 25.56
C MET D 139 -12.27 -17.38 26.93
N LEU D 140 -13.00 -18.49 26.95
CA LEU D 140 -13.35 -19.12 28.22
C LEU D 140 -12.12 -19.58 28.99
N ARG D 141 -11.09 -19.94 28.24
CA ARG D 141 -9.81 -20.37 28.83
C ARG D 141 -8.86 -19.19 29.09
N ARG D 142 -9.46 -18.01 29.12
CA ARG D 142 -8.91 -16.72 29.61
C ARG D 142 -8.07 -15.93 28.59
N MET D 143 -8.00 -16.43 27.37
CA MET D 143 -7.20 -15.79 26.33
C MET D 143 -7.87 -14.55 25.82
N THR D 144 -7.03 -13.63 25.34
CA THR D 144 -7.47 -12.41 24.72
C THR D 144 -7.73 -12.65 23.23
N GLN D 145 -8.81 -12.07 22.73
CA GLN D 145 -9.09 -12.09 21.28
C GLN D 145 -9.08 -10.65 20.74
N VAL D 146 -8.70 -10.52 19.48
CA VAL D 146 -8.48 -9.20 18.86
C VAL D 146 -9.49 -9.05 17.73
N LEU D 147 -10.11 -7.88 17.66
CA LEU D 147 -11.01 -7.51 16.58
C LEU D 147 -10.47 -6.25 15.88
N ARG D 148 -10.79 -6.14 14.60
CA ARG D 148 -10.42 -5.00 13.75
C ARG D 148 -11.40 -3.87 13.96
N VAL D 149 -10.88 -2.65 14.21
CA VAL D 149 -11.73 -1.49 14.45
C VAL D 149 -11.61 -0.46 13.34
N THR D 150 -12.77 0.08 12.96
CA THR D 150 -12.85 1.15 11.99
C THR D 150 -13.67 2.29 12.58
N GLY D 151 -13.07 3.47 12.67
CA GLY D 151 -13.77 4.61 13.20
C GLY D 151 -14.87 4.99 12.23
N ARG D 152 -16.00 5.42 12.77
N ARG D 152 -15.99 5.46 12.79
CA ARG D 152 -17.13 5.77 11.91
CA ARG D 152 -17.24 5.67 12.04
C ARG D 152 -17.44 7.27 12.01
C ARG D 152 -17.80 7.11 12.09
N SER D 153 -17.61 7.78 13.22
CA SER D 153 -18.03 9.19 13.42
C SER D 153 -17.25 9.86 14.54
N GLY D 154 -17.36 11.18 14.62
CA GLY D 154 -16.69 11.96 15.65
C GLY D 154 -15.17 11.87 15.56
N ARG D 155 -14.53 11.87 16.71
CA ARG D 155 -13.08 11.80 16.80
C ARG D 155 -12.48 10.59 16.06
N TYR D 156 -13.28 9.53 15.94
CA TYR D 156 -12.80 8.23 15.43
C TYR D 156 -12.85 8.19 13.91
N ALA D 157 -13.57 9.12 13.30
CA ALA D 157 -13.74 9.09 11.84
C ALA D 157 -12.40 9.08 11.13
N GLY D 158 -12.28 8.24 10.10
CA GLY D 158 -11.06 8.13 9.32
C GLY D 158 -9.89 7.43 10.00
N LYS D 159 -10.13 6.84 11.17
CA LYS D 159 -9.09 6.11 11.87
C LYS D 159 -9.44 4.60 11.95
N SER D 160 -8.39 3.79 12.15
CA SER D 160 -8.57 2.35 12.27
C SER D 160 -7.51 1.75 13.21
N GLY D 161 -7.81 0.55 13.70
CA GLY D 161 -6.95 -0.08 14.65
C GLY D 161 -7.49 -1.41 15.10
N PHE D 162 -7.32 -1.67 16.40
CA PHE D 162 -7.65 -2.94 17.00
C PHE D 162 -8.32 -2.79 18.34
N MET D 163 -9.09 -3.82 18.67
CA MET D 163 -9.77 -3.95 19.94
C MET D 163 -9.37 -5.27 20.53
N THR D 164 -9.15 -5.31 21.84
CA THR D 164 -8.98 -6.58 22.55
C THR D 164 -10.18 -6.89 23.41
N LEU D 165 -10.43 -8.18 23.59
CA LEU D 165 -11.53 -8.70 24.41
C LEU D 165 -11.05 -9.85 25.24
N ALA D 166 -11.32 -9.81 26.53
CA ALA D 166 -11.05 -10.97 27.40
C ALA D 166 -11.97 -10.96 28.57
N ILE D 167 -12.28 -12.15 29.09
CA ILE D 167 -13.13 -12.22 30.24
C ILE D 167 -12.34 -11.63 31.42
N SER D 168 -13.03 -10.86 32.26
CA SER D 168 -12.35 -10.18 33.38
C SER D 168 -12.96 -10.53 34.73
N ASP D 169 -14.26 -10.77 34.78
CA ASP D 169 -14.86 -11.24 36.02
C ASP D 169 -15.96 -12.28 35.74
N PRO D 170 -15.59 -13.57 35.83
CA PRO D 170 -16.53 -14.66 35.58
C PRO D 170 -17.52 -14.92 36.74
N ASN D 171 -17.35 -14.20 37.85
CA ASN D 171 -18.25 -14.35 38.99
C ASN D 171 -19.54 -13.54 38.84
N GLN D 172 -19.57 -12.63 37.86
CA GLN D 172 -20.78 -11.84 37.60
C GLN D 172 -21.72 -12.57 36.66
N ARG D 173 -22.99 -12.20 36.71
CA ARG D 173 -24.02 -12.76 35.84
C ARG D 173 -24.73 -11.57 35.19
N PRO D 174 -24.50 -11.29 33.89
CA PRO D 174 -23.56 -11.93 32.98
C PRO D 174 -22.12 -11.56 33.36
N PRO D 175 -21.14 -12.30 32.85
CA PRO D 175 -19.77 -11.98 33.26
C PRO D 175 -19.29 -10.63 32.71
N HIS D 176 -18.27 -10.05 33.34
CA HIS D 176 -17.67 -8.84 32.83
C HIS D 176 -16.46 -9.18 31.98
N TYR D 177 -16.23 -8.33 30.98
CA TYR D 177 -15.11 -8.44 30.03
C TYR D 177 -14.25 -7.18 30.09
N SER D 178 -12.96 -7.34 29.89
CA SER D 178 -12.01 -6.24 29.75
C SER D 178 -11.83 -5.93 28.27
N VAL D 179 -11.87 -4.65 27.91
CA VAL D 179 -11.74 -4.20 26.53
C VAL D 179 -10.73 -3.08 26.43
N GLN D 180 -9.93 -3.11 25.36
CA GLN D 180 -9.03 -2.01 24.95
C GLN D 180 -9.30 -1.68 23.50
N VAL D 181 -9.21 -0.41 23.16
CA VAL D 181 -9.39 0.03 21.77
C VAL D 181 -8.33 1.07 21.49
N VAL D 182 -7.62 0.87 20.38
CA VAL D 182 -6.62 1.82 19.93
C VAL D 182 -6.76 2.02 18.45
N LEU D 183 -6.82 3.28 18.02
CA LEU D 183 -7.00 3.64 16.62
C LEU D 183 -6.01 4.71 16.23
N CYS D 184 -5.64 4.74 14.96
CA CYS D 184 -4.87 5.87 14.44
C CYS D 184 -5.16 6.09 12.98
C1 GOL E . 16.04 4.16 -12.60
O1 GOL E . 16.56 3.89 -11.33
C2 GOL E . 16.72 3.23 -13.58
O2 GOL E . 16.52 1.89 -13.18
C3 GOL E . 18.21 3.58 -13.57
O3 GOL E . 18.75 3.16 -14.80
H11 GOL E . 16.23 5.20 -12.87
H12 GOL E . 14.96 3.99 -12.60
HO1 GOL E . 16.19 4.51 -10.67
H2 GOL E . 16.32 3.39 -14.58
HO2 GOL E . 17.00 1.29 -13.78
H31 GOL E . 18.72 3.08 -12.75
H32 GOL E . 18.35 4.66 -13.44
HO3 GOL E . 18.85 2.18 -14.81
C1 GOL F . 12.95 16.67 -10.82
O1 GOL F . 11.65 16.24 -11.16
C2 GOL F . 13.14 16.88 -9.31
O2 GOL F . 13.59 18.19 -9.05
C3 GOL F . 14.15 15.94 -8.68
O3 GOL F . 14.16 14.72 -9.37
H11 GOL F . 13.16 17.61 -11.33
H12 GOL F . 13.68 15.94 -11.17
HO1 GOL F . 11.57 16.18 -12.13
H2 GOL F . 12.18 16.73 -8.82
HO2 GOL F . 13.65 18.33 -8.08
H31 GOL F . 13.89 15.76 -7.64
H32 GOL F . 15.14 16.39 -8.70
HO3 GOL F . 13.36 14.21 -9.14
CG 4W9 G . 8.51 -4.16 -8.12
O5 4W9 G . 4.24 -5.19 -5.88
C27 4W9 G . 13.88 -1.68 -12.95
C29 4W9 G . 14.44 -1.74 -11.56
C17 4W9 G . 13.36 -1.61 -10.48
C12 4W9 G . 11.94 -2.01 -10.93
C13 4W9 G . 11.18 -1.86 -9.75
O16 4W9 G . 10.87 -0.60 -9.07
N11 4W9 G . 11.97 -3.39 -11.14
C10 4W9 G . 11.09 -4.00 -10.31
O14 4W9 G . 10.84 -5.27 -10.36
C9 4W9 G . 10.53 -3.06 -9.31
C7 4W9 G . 9.53 -3.06 -8.24
O8 4W9 G . 9.44 -2.03 -7.61
C26 4W9 G . 12.60 -1.41 -13.18
C24 4W9 G . 11.58 -1.17 -12.10
C22 4W9 G . 10.24 -1.62 -12.76
C20 4W9 G . 8.95 -1.50 -11.94
C21 4W9 G . 7.92 -0.65 -12.69
C23 4W9 G . 8.25 0.82 -12.71
C19 4W9 G . 8.34 -2.88 -11.61
C18 4W9 G . 7.56 -2.96 -10.26
CD2 4W9 G . 7.83 -4.27 -9.49
CE2 4W9 G . 6.53 -5.02 -9.37
CZ 4W9 G . 5.87 -5.21 -8.24
CE1 4W9 G . 6.39 -4.77 -6.90
C6 4W9 G . 9.17 -5.49 -7.71
C4 4W9 G . 8.07 -3.60 -5.62
C3 4W9 G . 7.00 -2.98 -4.71
C2 4W9 G . 5.77 -3.87 -4.64
C1 4W9 G . 5.26 -4.22 -6.03
O4 4W9 G . 7.44 -3.25 -12.65
C5 4W9 G . 11.49 0.33 -11.84
C8 4W9 G . 15.23 -3.02 -11.36
C11 4W9 G . 14.73 -1.94 -14.16
C14 4W9 G . 7.51 -3.75 -7.03
H1 4W9 G . 3.53 -4.84 -5.34
H2 4W9 G . 15.14 -0.89 -11.44
H3 4W9 G . 13.64 -2.24 -9.63
H4 4W9 G . 13.34 -0.58 -10.12
H5 4W9 G . 11.04 -0.50 -8.13
H6 4W9 G . 12.52 -3.70 -11.96
H7 4W9 G . 12.26 -1.37 -14.21
H8 4W9 G . 10.36 -2.67 -13.07
H9 4W9 G . 10.11 -1.05 -13.68
H10 4W9 G . 9.19 -1.00 -10.99
H11 4W9 G . 6.94 -0.80 -12.23
H12 4W9 G . 7.85 -1.02 -13.72
H13 4W9 G . 8.29 1.19 -11.70
H14 4W9 G . 7.51 1.35 -13.24
H15 4W9 G . 9.19 0.97 -13.17
H16 4W9 G . 9.15 -3.62 -11.57
H17 4W9 G . 7.84 -2.10 -9.65
H18 4W9 G . 6.49 -2.87 -10.47
H19 4W9 G . 8.50 -4.88 -10.12
H20 4W9 G . 6.07 -5.38 -10.28
H22 4W9 G . 4.93 -5.74 -8.28
H24 4W9 G . 6.80 -5.65 -6.38
H25 4W9 G . 8.43 -6.24 -7.64
H26 4W9 G . 9.66 -5.38 -6.79
H27 4W9 G . 9.87 -5.76 -8.46
H28 4W9 G . 8.96 -2.95 -5.64
H29 4W9 G . 8.37 -4.57 -5.23
H30 4W9 G . 6.73 -2.00 -5.09
H31 4W9 G . 7.42 -2.85 -3.71
H32 4W9 G . 4.99 -3.35 -4.07
H33 4W9 G . 6.01 -4.79 -4.09
H34 4W9 G . 4.86 -3.30 -6.51
H35 4W9 G . 7.12 -4.14 -12.50
H36 4W9 G . 10.67 0.54 -11.20
H37 4W9 G . 11.35 0.84 -12.77
H38 4W9 G . 12.38 0.67 -11.40
H39 4W9 G . 15.98 -3.10 -12.11
H40 4W9 G . 15.69 -3.00 -10.40
H41 4W9 G . 14.57 -3.85 -11.42
H42 4W9 G . 15.73 -2.15 -13.85
H43 4W9 G . 14.74 -1.09 -14.79
H44 4W9 G . 14.36 -2.77 -14.70
H45 4W9 G . 7.06 -2.79 -7.32
CG 4W9 H . -2.21 21.01 -27.47
O5 4W9 H . -2.00 18.70 -31.88
C27 4W9 H . -2.53 22.66 -20.02
C29 4W9 H . -1.89 23.76 -20.85
C17 4W9 H . -1.18 23.21 -22.08
C12 4W9 H . -1.76 21.90 -22.63
C13 4W9 H . -0.99 21.81 -23.83
O16 4W9 H . 0.42 21.47 -23.93
N11 4W9 H . -3.06 22.25 -23.04
C10 4W9 H . -3.12 22.15 -24.39
O14 4W9 H . -4.24 22.29 -24.99
C9 4W9 H . -1.80 21.84 -25.03
C7 4W9 H . -1.29 21.55 -26.38
O8 4W9 H . -0.08 21.56 -26.54
C26 4W9 H . -2.42 21.36 -20.34
C24 4W9 H . -1.67 20.88 -21.55
C22 4W9 H . -2.39 19.56 -21.97
C20 4W9 H . -1.97 18.88 -23.31
C21 4W9 H . -1.49 17.44 -23.05
C23 4W9 H . -2.52 16.35 -22.94
C19 4W9 H . -2.99 18.97 -24.48
C18 4W9 H . -2.34 18.92 -25.88
CD2 4W9 H . -3.04 19.83 -26.90
CE2 4W9 H . -3.57 18.90 -27.97
CZ 4W9 H . -3.16 18.91 -29.25
CE1 4W9 H . -2.17 19.92 -29.77
C6 4W9 H . -3.17 22.10 -27.94
C4 4W9 H . -0.58 21.65 -29.36
C3 4W9 H . 0.44 21.04 -30.30
C2 4W9 H . -0.22 20.23 -31.40
C1 4W9 H . -1.24 19.26 -30.81
O4 4W9 H . -4.04 18.00 -24.45
C5 4W9 H . -0.25 20.52 -21.11
C8 4W9 H . -2.93 24.82 -21.26
C11 4W9 H . -3.33 23.00 -18.79
C14 4W9 H . -1.35 20.56 -28.64
H1 4W9 H . -1.39 18.24 -32.49
H2 4W9 H . -1.13 24.26 -20.22
H3 4W9 H . -0.12 23.04 -21.83
H4 4W9 H . -1.21 23.96 -22.87
H5 4W9 H . 1.02 22.03 -24.46
H6 4W9 H . -3.77 22.42 -22.29
H7 4W9 H . -2.90 20.63 -19.70
H8 4W9 H . -2.27 18.84 -21.17
H9 4W9 H . -3.46 19.77 -22.03
H10 4W9 H . -1.08 19.43 -23.65
H11 4W9 H . -0.81 17.18 -23.86
H12 4W9 H . -0.91 17.45 -22.13
H13 4W9 H . -3.18 16.55 -22.14
H14 4W9 H . -3.07 16.29 -23.85
H15 4W9 H . -2.03 15.42 -22.77
H16 4W9 H . -3.46 19.96 -24.40
H17 4W9 H . -1.29 19.21 -25.80
H18 4W9 H . -2.36 17.89 -26.24
H19 4W9 H . -3.91 20.27 -26.38
H20 4W9 H . -4.30 18.15 -27.69
H22 4W9 H . -3.59 18.19 -29.93
H24 4W9 H . -2.73 20.72 -30.29
H25 4W9 H . -3.77 22.42 -27.12
H26 4W9 H . -2.62 22.90 -28.33
H27 4W9 H . -3.80 21.70 -28.69
H28 4W9 H . -1.27 22.28 -29.92
H29 4W9 H . -0.06 22.27 -28.63
H30 4W9 H . 1.12 20.39 -29.74
H31 4W9 H . 1.03 21.85 -30.75
H32 4W9 H . 0.54 19.68 -31.95
H33 4W9 H . -0.73 20.91 -32.09
H34 4W9 H . -0.68 18.46 -30.30
H35 4W9 H . -4.69 18.21 -25.13
H36 4W9 H . 0.26 20.07 -21.92
H37 4W9 H . 0.26 21.39 -20.82
H38 4W9 H . -0.29 19.85 -20.30
H39 4W9 H . -3.65 24.39 -21.90
H40 4W9 H . -2.44 25.61 -21.75
H41 4W9 H . -3.41 25.20 -20.39
H42 4W9 H . -3.34 24.04 -18.65
H43 4W9 H . -4.32 22.65 -18.92
H44 4W9 H . -2.90 22.53 -17.94
H45 4W9 H . -0.63 19.81 -28.28
C1 GOL I . -3.40 -4.61 -0.03
O1 GOL I . -2.66 -3.71 0.76
C2 GOL I . -3.87 -3.88 -1.27
O2 GOL I . -3.02 -4.30 -2.31
C3 GOL I . -3.80 -2.37 -1.01
O3 GOL I . -4.43 -1.65 -2.05
H11 GOL I . -4.25 -4.98 0.54
H12 GOL I . -2.77 -5.47 -0.30
HO1 GOL I . -2.39 -4.14 1.60
H2 GOL I . -4.90 -4.17 -1.47
HO2 GOL I . -3.26 -3.83 -3.14
H31 GOL I . -2.76 -2.06 -0.94
H32 GOL I . -4.29 -2.14 -0.06
HO3 GOL I . -4.35 -2.13 -2.89
C1 GOL J . 2.05 -16.44 7.52
O1 GOL J . 2.28 -17.60 6.81
C2 GOL J . 1.16 -15.54 6.70
O2 GOL J . 1.80 -14.30 6.94
C3 GOL J . 1.05 -15.89 5.18
O3 GOL J . 0.60 -17.21 4.81
H11 GOL J . 3.01 -15.93 7.73
H12 GOL J . 1.58 -16.67 8.47
HO1 GOL J . 2.90 -18.17 7.30
H2 GOL J . 0.16 -15.54 7.13
HO2 GOL J . 2.71 -14.32 6.58
H31 GOL J . 2.04 -15.73 4.73
H32 GOL J . 0.39 -15.16 4.72
HO3 GOL J . 1.16 -17.89 5.25
C1 GOL K . 7.65 -19.45 21.79
O1 GOL K . 7.33 -19.60 20.43
C2 GOL K . 6.65 -18.57 22.53
O2 GOL K . 7.39 -17.62 23.29
C3 GOL K . 5.72 -19.42 23.40
O3 GOL K . 5.22 -18.68 24.50
H11 GOL K . 8.64 -19.02 21.89
H12 GOL K . 7.67 -20.43 22.27
HO1 GOL K . 8.03 -20.12 19.99
H2 GOL K . 6.04 -18.05 21.79
HO2 GOL K . 6.77 -17.03 23.76
H31 GOL K . 6.25 -20.29 23.77
H32 GOL K . 4.87 -19.78 22.80
HO3 GOL K . 5.06 -19.28 25.25
C1 GOL L . -13.38 -26.63 -1.18
O1 GOL L . -14.50 -25.80 -0.91
C2 GOL L . -12.77 -26.35 -2.57
O2 GOL L . -11.36 -26.27 -2.45
C3 GOL L . -13.33 -25.05 -3.15
O3 GOL L . -12.70 -24.69 -4.35
H11 GOL L . -13.69 -27.67 -1.14
H12 GOL L . -12.62 -26.47 -0.41
HO1 GOL L . -14.89 -26.05 -0.05
H2 GOL L . -13.04 -27.17 -3.23
HO2 GOL L . -10.97 -26.11 -3.33
H31 GOL L . -13.19 -24.25 -2.41
H32 GOL L . -14.40 -25.16 -3.31
HO3 GOL L . -13.17 -23.92 -4.74
CG 4W9 M . 9.84 -17.36 15.62
O5 4W9 M . 11.88 -16.63 20.05
C27 4W9 M . 5.14 -19.21 9.79
C29 4W9 M . 6.16 -18.19 9.35
C17 4W9 M . 6.63 -17.28 10.48
C12 4W9 M . 6.54 -17.91 11.90
C13 4W9 M . 7.13 -16.95 12.74
O16 4W9 M . 6.62 -15.62 13.10
N11 4W9 M . 7.47 -18.97 11.89
C10 4W9 M . 8.43 -18.77 12.80
O14 4W9 M . 9.29 -19.67 13.05
C9 4W9 M . 8.32 -17.43 13.48
C7 4W9 M . 8.97 -16.68 14.56
O8 4W9 M . 8.57 -15.53 14.75
C26 4W9 M . 4.67 -19.25 11.03
C24 4W9 M . 5.11 -18.29 12.09
C22 4W9 M . 4.94 -19.09 13.41
C20 4W9 M . 5.34 -18.48 14.77
C21 4W9 M . 4.13 -18.55 15.74
C23 4W9 M . 2.95 -17.68 15.29
C19 4W9 M . 6.57 -19.17 15.42
C18 4W9 M . 7.45 -18.27 16.35
CD2 4W9 M . 8.99 -18.51 16.19
CE2 4W9 M . 9.53 -18.99 17.53
CZ 4W9 M . 10.43 -18.31 18.28
CE1 4W9 M . 11.01 -16.99 17.83
C6 4W9 M . 11.14 -17.94 15.04
C4 4W9 M . 11.03 -15.16 16.21
C3 4W9 M . 11.15 -14.11 17.30
C2 4W9 M . 11.82 -14.74 18.54
C1 4W9 M . 11.12 -16.02 18.99
O4 4W9 M . 6.14 -20.31 16.18
C5 4W9 M . 4.11 -17.12 12.12
C8 4W9 M . 7.36 -18.87 8.68
C11 4W9 M . 4.62 -20.22 8.81
C14 4W9 M . 10.20 -16.34 16.71
H1 4W9 M . 11.95 -16.02 20.79
H2 4W9 M . 5.69 -17.55 8.59
H3 4W9 M . 6.01 -16.37 10.47
H4 4W9 M . 7.66 -16.98 10.29
H5 4W9 M . 7.18 -14.83 13.01
H6 4W9 M . 7.23 -19.78 11.27
H7 4W9 M . 3.94 -20.01 11.28
H8 4W9 M . 5.48 -20.02 13.30
H9 4W9 M . 3.88 -19.36 13.48
H10 4W9 M . 5.58 -17.41 14.62
H11 4W9 M . 4.45 -18.25 16.73
H12 4W9 M . 3.80 -19.59 15.81
H13 4W9 M . 3.26 -16.67 15.24
H14 4W9 M . 2.16 -17.78 15.99
H15 4W9 M . 2.62 -17.99 14.33
H16 4W9 M . 7.21 -19.52 14.60
H17 4W9 M . 7.16 -18.45 17.39
H18 4W9 M . 7.24 -17.23 16.12
H19 4W9 M . 9.10 -19.35 15.49
H20 4W9 M . 9.16 -19.92 17.92
H22 4W9 M . 10.74 -18.73 19.22
H24 4W9 M . 12.02 -17.18 17.45
H25 4W9 M . 11.70 -18.40 15.82
H26 4W9 M . 10.91 -18.66 14.31
H27 4W9 M . 11.71 -17.16 14.61
H28 4W9 M . 10.55 -14.72 15.34
H29 4W9 M . 12.03 -15.50 15.94
H30 4W9 M . 10.15 -13.73 17.56
H31 4W9 M . 11.75 -13.27 16.94
H32 4W9 M . 12.86 -14.96 18.31
H33 4W9 M . 11.81 -14.02 19.36
H34 4W9 M . 10.11 -15.77 19.35
H35 4W9 M . 6.91 -20.80 16.48
H36 4W9 M . 4.31 -16.51 12.96
H37 4W9 M . 4.21 -16.56 11.24
H38 4W9 M . 3.13 -17.51 12.19
H39 4W9 M . 7.03 -19.50 7.90
H40 4W9 M . 7.88 -19.46 9.40
H41 4W9 M . 8.01 -18.14 8.30
H42 4W9 M . 3.56 -20.11 8.73
H43 4W9 M . 4.84 -21.19 9.16
H44 4W9 M . 5.07 -20.07 7.87
H45 4W9 M . 9.26 -15.96 17.14
C1 GOL N . -17.30 -4.85 21.45
O1 GOL N . -16.96 -4.12 22.63
C2 GOL N . -17.35 -6.37 21.67
O2 GOL N . -17.78 -6.70 22.94
C3 GOL N . -18.49 -6.95 20.84
O3 GOL N . -18.19 -6.74 19.52
H11 GOL N . -16.56 -4.63 20.67
H12 GOL N . -18.27 -4.50 21.08
HO1 GOL N . -16.89 -3.17 22.41
H2 GOL N . -16.40 -6.85 21.41
HO2 GOL N . -18.64 -6.29 23.11
H31 GOL N . -19.43 -6.45 21.10
H32 GOL N . -18.60 -8.01 21.04
HO3 GOL N . -18.78 -7.29 18.96
C1 GOL O . -11.89 -28.66 30.20
O1 GOL O . -11.28 -28.27 31.42
C2 GOL O . -10.89 -28.48 29.07
O2 GOL O . -10.33 -29.73 28.70
C3 GOL O . -9.78 -27.53 29.46
O3 GOL O . -10.26 -26.40 30.17
H11 GOL O . -12.76 -28.05 30.02
H12 GOL O . -12.20 -29.70 30.26
HO1 GOL O . -11.94 -28.32 32.14
H2 GOL O . -11.42 -28.06 28.21
HO2 GOL O . -9.72 -29.60 27.94
H31 GOL O . -9.26 -27.19 28.57
H32 GOL O . -9.06 -28.06 30.08
HO3 GOL O . -11.02 -26.01 29.69
CG 4W9 P . -22.99 -16.94 23.98
O5 4W9 P . -24.07 -21.76 23.33
C27 4W9 P . -19.57 -10.20 25.20
C29 4W9 P . -20.79 -9.99 24.36
C17 4W9 P . -21.19 -11.24 23.54
C12 4W9 P . -20.69 -12.58 24.10
C13 4W9 P . -21.23 -13.53 23.23
O16 4W9 P . -20.85 -13.70 21.84
N11 4W9 P . -21.40 -12.77 25.28
C10 4W9 P . -22.11 -13.92 25.22
O14 4W9 P . -22.72 -14.40 26.25
C9 4W9 P . -22.09 -14.51 23.86
C7 4W9 P . -22.51 -15.74 23.17
O8 4W9 P . -22.22 -15.82 21.95
C26 4W9 P . -18.85 -11.33 25.12
C24 4W9 P . -19.20 -12.49 24.22
C22 4W9 P . -18.60 -13.72 24.92
C20 4W9 P . -18.78 -15.14 24.33
C21 4W9 P . -17.41 -15.79 24.10
C23 4W9 P . -16.62 -15.08 23.03
C19 4W9 P . -19.64 -16.05 25.22
C18 4W9 P . -20.43 -17.15 24.47
CD2 4W9 P . -21.87 -17.34 24.97
CE2 4W9 P . -21.99 -18.78 25.44
CZ 4W9 P . -22.80 -19.69 24.88
CE1 4W9 P . -23.72 -19.38 23.71
C6 4W9 P . -24.27 -16.63 24.74
C4 4W9 P . -24.39 -17.77 21.98
C3 4W9 P . -24.53 -18.89 20.97
C2 4W9 P . -24.75 -20.24 21.65
C1 4W9 P . -23.71 -20.53 22.70
O4 4W9 P . -18.87 -16.70 26.24
C5 4W9 P . -18.45 -12.34 22.90
C8 4W9 P . -21.97 -9.58 25.22
C11 4W9 P . -19.12 -9.10 26.12
C14 4W9 P . -23.30 -18.09 23.00
H1 4W9 P . -24.08 -22.48 22.67
H2 4W9 P . -20.59 -9.18 23.64
H3 4W9 P . -22.27 -11.29 23.47
H4 4W9 P . -20.80 -11.13 22.53
H5 4W9 P . -21.52 -13.73 21.15
H6 4W9 P . -21.17 -12.11 26.05
H7 4W9 P . -17.97 -11.41 25.75
H8 4W9 P . -17.52 -13.55 25.02
H9 4W9 P . -19.00 -13.75 25.94
H10 4W9 P . -19.28 -15.04 23.35
H11 4W9 P . -16.85 -15.79 25.04
H12 4W9 P . -17.55 -16.84 23.81
H13 4W9 P . -16.45 -14.08 23.33
H14 4W9 P . -17.14 -15.10 22.11
H15 4W9 P . -15.68 -15.56 22.91
H16 4W9 P . -20.39 -15.41 25.71
H17 4W9 P . -20.44 -16.90 23.40
H18 4W9 P . -19.88 -18.09 24.57
H19 4W9 P . -21.99 -16.70 25.85
H20 4W9 P . -21.39 -19.09 26.27
H22 4W9 P . -22.82 -20.69 25.29
H24 4W9 P . -24.75 -19.25 24.09
H25 4W9 P . -25.04 -16.36 24.07
H26 4W9 P . -24.10 -15.83 25.42
H27 4W9 P . -24.58 -17.49 25.29
H28 4W9 P . -25.34 -17.63 22.50
H29 4W9 P . -24.14 -16.84 21.47
H30 4W9 P . -25.36 -18.68 20.31
H31 4W9 P . -23.62 -18.94 20.36
H32 4W9 P . -25.74 -20.26 22.10
H33 4W9 P . -24.72 -21.03 20.89
H34 4W9 P . -22.72 -20.60 22.23
H35 4W9 P . -19.45 -17.16 26.85
H36 4W9 P . -18.84 -11.50 22.36
H37 4W9 P . -17.42 -12.19 23.09
H38 4W9 P . -18.59 -13.21 22.32
H39 4W9 P . -22.23 -10.36 25.88
H40 4W9 P . -21.71 -8.71 25.78
H41 4W9 P . -22.80 -9.35 24.61
H42 4W9 P . -19.10 -9.47 27.11
H43 4W9 P . -18.15 -8.78 25.83
H44 4W9 P . -19.79 -8.29 26.06
H45 4W9 P . -22.37 -18.32 22.44
#